data_9M0Q
#
_entry.id   9M0Q
#
_cell.length_a   111.831
_cell.length_b   91.682
_cell.length_c   80.871
_cell.angle_alpha   90.00
_cell.angle_beta   125.06
_cell.angle_gamma   90.00
#
_symmetry.space_group_name_H-M   'C 1 2 1'
#
loop_
_entity.id
_entity.type
_entity.pdbx_description
1 polymer 'cysteine-S-conjugate beta-lyase'
2 non-polymer ALLIIN
3 water water
#
_entity_poly.entity_id   1
_entity_poly.type   'polypeptide(L)'
_entity_poly.pdbx_seq_one_letter_code
;MAEKQYDFTHVPKRQGNSIKWGGLKEKELPMWIDEMDFRIAPEIMTSMEEKLKVAAFGYESVPAEYYKAVADWEEIEHRA
RPKEDWCVFASGVVPAISAMVRQFTSPGDQILVQEPVYNMFYSVIEGNGRRVISSDLIYENSKYSVNWADLEEKLATPSV
RMMVFCNPHNPIGYAWSEEEVKRIAELCAKHQVLLISDEIHGDLVLTDEDITPAFTVDWDAKNWVVSLISPS(LLP)TFN
LAALHAACAIIPNPDLRARAEESFFLAGIGEPNLLAIPAAIAAYEEGHNWLRELKQVLRDNFAYAREFLAKEVPEVKVLD
SNASYLAWVDISALGMNAEDFCKYLREKTGLIISAGNGYRGNGHEFVRINLACPKELVIDGMQRLKQGVLNLNN
;
_entity_poly.pdbx_strand_id   A,B
#
loop_
_chem_comp.id
_chem_comp.type
_chem_comp.name
_chem_comp.formula
OO0 non-polymer ALLIIN 'C6 H11 N O3 S'
#
# COMPACT_ATOMS: atom_id res chain seq x y z
N GLN A 5 -7.99 -26.39 -20.10
CA GLN A 5 -9.08 -26.15 -19.16
C GLN A 5 -9.26 -24.67 -18.83
N TYR A 6 -8.30 -23.82 -19.22
CA TYR A 6 -8.38 -22.38 -18.96
C TYR A 6 -8.04 -21.58 -20.22
N ASP A 7 -8.61 -20.38 -20.26
CA ASP A 7 -8.47 -19.50 -21.45
C ASP A 7 -7.16 -18.74 -21.52
N PHE A 8 -6.37 -19.01 -22.55
CA PHE A 8 -5.16 -18.25 -22.86
C PHE A 8 -5.19 -17.65 -24.27
N THR A 9 -6.38 -17.36 -24.81
CA THR A 9 -6.40 -16.85 -26.19
C THR A 9 -6.99 -15.45 -26.30
N HIS A 10 -7.92 -15.08 -25.40
CA HIS A 10 -8.57 -13.78 -25.46
C HIS A 10 -7.92 -12.83 -24.45
N VAL A 11 -7.58 -11.63 -24.92
CA VAL A 11 -6.99 -10.55 -24.14
C VAL A 11 -8.05 -9.78 -23.34
N PRO A 12 -7.96 -9.78 -22.00
CA PRO A 12 -8.85 -8.95 -21.16
C PRO A 12 -8.95 -7.50 -21.65
N LYS A 13 -10.16 -6.98 -21.62
CA LYS A 13 -10.42 -5.60 -22.05
C LYS A 13 -10.28 -4.71 -20.83
N ARG A 14 -9.20 -3.94 -20.77
CA ARG A 14 -8.92 -3.14 -19.58
C ARG A 14 -9.81 -1.89 -19.53
N GLN A 15 -9.97 -1.34 -18.33
CA GLN A 15 -10.47 0.00 -18.17
C GLN A 15 -9.43 0.99 -18.74
N GLY A 16 -9.83 2.26 -18.81
CA GLY A 16 -8.99 3.23 -19.49
C GLY A 16 -7.72 3.60 -18.77
N ASN A 17 -7.58 3.23 -17.48
CA ASN A 17 -6.41 3.61 -16.69
C ASN A 17 -5.36 2.51 -16.58
N SER A 18 -5.41 1.49 -17.43
CA SER A 18 -4.32 0.52 -17.53
C SER A 18 -3.04 1.20 -18.02
N ILE A 19 -1.92 0.94 -17.35
CA ILE A 19 -0.62 1.39 -17.88
C ILE A 19 -0.33 0.75 -19.23
N LYS A 20 -0.39 -0.58 -19.31
CA LYS A 20 -0.01 -1.31 -20.52
C LYS A 20 -0.90 -0.93 -21.71
N TRP A 21 -2.19 -0.77 -21.49
CA TRP A 21 -3.14 -0.61 -22.60
C TRP A 21 -3.81 0.75 -22.66
N GLY A 22 -3.78 1.54 -21.58
CA GLY A 22 -4.49 2.82 -21.55
C GLY A 22 -3.77 3.91 -22.34
N GLY A 23 -4.53 4.61 -23.19
CA GLY A 23 -3.95 5.69 -23.97
C GLY A 23 -2.98 5.30 -25.07
N LEU A 24 -3.22 4.18 -25.74
CA LEU A 24 -2.42 3.76 -26.89
C LEU A 24 -3.06 4.27 -28.18
N LYS A 25 -2.24 4.37 -29.23
CA LYS A 25 -2.78 4.72 -30.53
C LYS A 25 -3.50 3.52 -31.15
N GLU A 26 -4.27 3.78 -32.21
CA GLU A 26 -4.86 2.70 -32.98
C GLU A 26 -3.75 1.80 -33.54
N LYS A 27 -4.02 0.48 -33.57
CA LYS A 27 -3.13 -0.48 -34.22
C LYS A 27 -1.77 -0.58 -33.52
N GLU A 28 -1.73 -0.32 -32.20
CA GLU A 28 -0.52 -0.39 -31.40
C GLU A 28 -0.55 -1.64 -30.51
N LEU A 29 0.59 -2.31 -30.41
CA LEU A 29 0.67 -3.56 -29.67
C LEU A 29 1.65 -3.46 -28.50
N PRO A 30 1.17 -3.35 -27.26
CA PRO A 30 2.08 -3.18 -26.11
C PRO A 30 2.69 -4.52 -25.71
N MET A 31 4.02 -4.64 -25.83
CA MET A 31 4.71 -5.82 -25.34
C MET A 31 5.90 -5.45 -24.47
N TRP A 32 5.80 -4.33 -23.75
CA TRP A 32 6.94 -3.73 -23.05
C TRP A 32 6.91 -3.97 -21.55
N ILE A 33 5.85 -3.57 -20.88
CA ILE A 33 5.79 -3.62 -19.43
C ILE A 33 5.36 -5.02 -18.99
N ASP A 34 5.82 -5.43 -17.79
CA ASP A 34 5.67 -6.81 -17.26
C ASP A 34 4.33 -7.17 -16.62
N GLU A 35 3.26 -7.25 -17.39
CA GLU A 35 1.97 -7.80 -16.96
C GLU A 35 1.45 -8.63 -18.13
N MET A 36 0.64 -9.65 -17.84
CA MET A 36 0.23 -10.52 -18.93
C MET A 36 -1.08 -10.08 -19.55
N ASP A 37 -1.29 -10.51 -20.78
CA ASP A 37 -2.57 -10.31 -21.45
C ASP A 37 -3.42 -11.58 -21.38
N PHE A 38 -3.53 -12.14 -20.19
CA PHE A 38 -4.37 -13.31 -19.94
C PHE A 38 -5.33 -13.00 -18.80
N ARG A 39 -6.49 -13.61 -18.84
CA ARG A 39 -7.39 -13.46 -17.67
C ARG A 39 -6.77 -14.24 -16.51
N ILE A 40 -7.06 -13.82 -15.30
CA ILE A 40 -6.52 -14.53 -14.14
C ILE A 40 -7.23 -15.84 -13.86
N ALA A 41 -6.63 -16.64 -12.95
CA ALA A 41 -7.16 -17.93 -12.54
C ALA A 41 -8.57 -17.78 -12.00
N PRO A 42 -9.53 -18.56 -12.49
CA PRO A 42 -10.90 -18.50 -11.95
C PRO A 42 -10.98 -18.72 -10.45
N GLU A 43 -10.14 -19.59 -9.88
CA GLU A 43 -10.16 -19.80 -8.44
C GLU A 43 -9.77 -18.50 -7.69
N ILE A 44 -8.77 -17.77 -8.20
CA ILE A 44 -8.47 -16.43 -7.68
C ILE A 44 -9.68 -15.52 -7.87
N MET A 45 -10.10 -15.35 -9.13
CA MET A 45 -11.32 -14.60 -9.43
C MET A 45 -12.46 -14.88 -8.45
N THR A 46 -12.72 -16.17 -8.17
CA THR A 46 -13.80 -16.54 -7.25
C THR A 46 -13.66 -15.88 -5.89
N SER A 47 -12.45 -15.98 -5.35
CA SER A 47 -12.20 -15.55 -3.99
C SER A 47 -12.40 -14.05 -3.87
N MET A 48 -12.15 -13.33 -4.97
CA MET A 48 -12.32 -11.90 -5.01
C MET A 48 -13.78 -11.50 -4.92
N GLU A 49 -14.65 -12.17 -5.68
CA GLU A 49 -16.09 -11.81 -5.70
C GLU A 49 -16.79 -12.32 -4.44
N GLU A 50 -16.26 -13.36 -3.82
CA GLU A 50 -16.84 -13.76 -2.52
C GLU A 50 -16.46 -12.68 -1.51
N LYS A 51 -15.20 -12.25 -1.46
CA LYS A 51 -14.79 -11.24 -0.46
C LYS A 51 -15.65 -9.98 -0.66
N LEU A 52 -15.92 -9.63 -1.90
CA LEU A 52 -16.70 -8.42 -2.18
C LEU A 52 -18.08 -8.55 -1.53
N LYS A 53 -18.70 -9.72 -1.60
CA LYS A 53 -20.06 -9.77 -1.08
C LYS A 53 -20.14 -9.47 0.42
N VAL A 54 -19.01 -9.49 1.14
CA VAL A 54 -19.02 -9.04 2.54
C VAL A 54 -19.67 -7.66 2.62
N ALA A 55 -19.34 -6.78 1.67
CA ALA A 55 -20.01 -5.50 1.51
C ALA A 55 -19.63 -4.51 2.61
N ALA A 56 -18.59 -4.81 3.38
CA ALA A 56 -17.98 -3.87 4.34
C ALA A 56 -16.48 -4.14 4.46
N PHE A 57 -15.63 -3.13 4.19
CA PHE A 57 -14.18 -3.40 4.12
C PHE A 57 -13.42 -2.57 5.13
N GLY A 58 -13.40 -3.06 6.36
CA GLY A 58 -12.61 -2.50 7.43
C GLY A 58 -11.30 -3.24 7.58
N TYR A 59 -10.64 -3.00 8.71
CA TYR A 59 -9.24 -3.38 8.90
C TYR A 59 -9.08 -4.88 8.92
N GLU A 60 -8.09 -5.38 8.22
CA GLU A 60 -7.86 -6.82 8.12
C GLU A 60 -6.46 -7.14 8.61
N SER A 61 -6.37 -8.13 9.48
CA SER A 61 -5.08 -8.62 9.88
C SER A 61 -4.55 -9.59 8.84
N VAL A 62 -3.36 -10.12 9.07
CA VAL A 62 -2.82 -11.18 8.25
C VAL A 62 -3.03 -12.47 9.02
N PRO A 63 -3.71 -13.46 8.46
CA PRO A 63 -3.97 -14.70 9.19
C PRO A 63 -2.90 -15.72 8.88
N ALA A 64 -2.70 -16.62 9.86
CA ALA A 64 -1.69 -17.64 9.72
C ALA A 64 -1.91 -18.48 8.48
N GLU A 65 -3.15 -18.57 7.99
CA GLU A 65 -3.39 -19.27 6.74
C GLU A 65 -2.60 -18.63 5.59
N TYR A 66 -2.39 -17.32 5.65
CA TYR A 66 -1.63 -16.66 4.58
C TYR A 66 -0.21 -17.15 4.56
N TYR A 67 0.39 -17.35 5.74
CA TYR A 67 1.74 -17.88 5.79
C TYR A 67 1.76 -19.36 5.54
N LYS A 68 0.64 -20.06 5.79
CA LYS A 68 0.64 -21.49 5.49
C LYS A 68 0.44 -21.70 4.00
N ALA A 69 -0.45 -20.94 3.40
CA ALA A 69 -0.55 -20.92 1.93
C ALA A 69 0.79 -20.66 1.30
N VAL A 70 1.54 -19.67 1.82
CA VAL A 70 2.83 -19.33 1.23
C VAL A 70 3.79 -20.50 1.37
N ALA A 71 3.82 -21.16 2.53
CA ALA A 71 4.80 -22.24 2.72
C ALA A 71 4.48 -23.46 1.85
N ASP A 72 3.22 -23.91 1.89
CA ASP A 72 2.70 -24.96 1.01
C ASP A 72 3.05 -24.71 -0.46
N TRP A 73 2.84 -23.47 -0.92
CA TRP A 73 3.14 -23.13 -2.31
C TRP A 73 4.61 -23.31 -2.61
N GLU A 74 5.47 -22.72 -1.80
CA GLU A 74 6.92 -22.89 -1.99
C GLU A 74 7.24 -24.39 -1.89
N ILE A 76 5.80 -27.36 -2.68
CA ILE A 76 5.14 -27.97 -3.88
C ILE A 76 5.79 -27.44 -5.16
N GLU A 77 5.93 -26.12 -5.30
CA GLU A 77 6.50 -25.58 -6.54
C GLU A 77 8.02 -25.51 -6.60
N HIS A 78 8.68 -25.41 -5.45
CA HIS A 78 10.17 -25.33 -5.42
C HIS A 78 10.74 -26.34 -4.43
N ALA A 80 11.33 -26.50 -1.34
CA ALA A 80 11.82 -25.51 -0.36
C ALA A 80 10.65 -25.05 0.52
N ARG A 81 10.72 -25.32 1.82
CA ARG A 81 9.57 -24.91 2.59
C ARG A 81 10.02 -23.92 3.65
N PRO A 82 9.73 -22.64 3.50
CA PRO A 82 10.06 -21.67 4.55
C PRO A 82 9.36 -22.00 5.85
N LYS A 83 10.01 -21.70 6.96
CA LYS A 83 9.31 -21.79 8.24
C LYS A 83 8.27 -20.67 8.34
N GLU A 84 7.09 -21.01 8.85
CA GLU A 84 5.97 -20.08 8.72
C GLU A 84 6.21 -18.80 9.49
N ASP A 85 6.99 -18.90 10.58
CA ASP A 85 7.29 -17.75 11.43
C ASP A 85 8.22 -16.76 10.72
N TRP A 86 9.09 -17.24 9.81
CA TRP A 86 10.00 -16.40 9.03
C TRP A 86 9.26 -15.40 8.14
N CYS A 87 7.95 -15.52 7.97
CA CYS A 87 7.20 -14.91 6.88
C CYS A 87 6.50 -13.61 7.27
N VAL A 88 6.53 -12.63 6.37
CA VAL A 88 6.04 -11.31 6.74
C VAL A 88 5.40 -10.68 5.53
N PHE A 89 4.13 -10.33 5.66
CA PHE A 89 3.40 -9.71 4.57
C PHE A 89 3.91 -8.30 4.29
N ALA A 90 4.02 -7.95 3.03
CA ALA A 90 4.15 -6.54 2.71
C ALA A 90 3.42 -6.27 1.41
N SER A 91 2.92 -5.05 1.24
CA SER A 91 2.08 -4.83 0.07
C SER A 91 2.83 -4.97 -1.27
N GLY A 92 4.12 -5.26 -1.31
CA GLY A 92 4.79 -5.34 -2.60
C GLY A 92 6.29 -5.49 -2.43
N VAL A 93 6.93 -5.93 -3.52
CA VAL A 93 8.34 -6.30 -3.45
C VAL A 93 9.23 -5.07 -3.42
N VAL A 94 9.13 -4.25 -4.46
CA VAL A 94 9.91 -3.02 -4.49
C VAL A 94 9.70 -2.17 -3.27
N PRO A 95 8.49 -1.84 -2.83
CA PRO A 95 8.38 -1.04 -1.59
C PRO A 95 9.02 -1.70 -0.38
N ALA A 96 9.07 -3.05 -0.31
CA ALA A 96 9.73 -3.63 0.84
C ALA A 96 11.24 -3.55 0.66
N ILE A 97 11.70 -3.58 -0.59
CA ILE A 97 13.10 -3.29 -0.84
C ILE A 97 13.41 -1.87 -0.41
N SER A 98 12.56 -0.92 -0.84
CA SER A 98 12.73 0.47 -0.44
C SER A 98 12.82 0.58 1.09
N ALA A 99 11.93 -0.07 1.82
CA ALA A 99 11.97 0.04 3.28
C ALA A 99 13.17 -0.67 3.90
N MET A 100 13.73 -1.69 3.23
CA MET A 100 14.82 -2.39 3.90
C MET A 100 16.11 -1.61 3.69
N VAL A 101 16.19 -0.89 2.57
CA VAL A 101 17.28 0.06 2.34
C VAL A 101 17.34 1.08 3.48
N ARG A 102 16.20 1.69 3.82
CA ARG A 102 16.19 2.73 4.85
C ARG A 102 16.50 2.14 6.23
N GLN A 103 16.08 0.90 6.47
CA GLN A 103 16.29 0.34 7.81
C GLN A 103 17.69 -0.23 7.99
N PHE A 104 18.28 -0.81 6.95
CA PHE A 104 19.46 -1.64 7.15
C PHE A 104 20.78 -1.02 6.69
N THR A 105 20.76 0.10 5.97
CA THR A 105 21.91 0.87 5.53
C THR A 105 21.81 2.31 6.00
N SER A 106 22.91 3.04 5.82
CA SER A 106 22.78 4.46 6.07
C SER A 106 22.90 5.28 4.78
N PRO A 107 22.36 6.49 4.76
CA PRO A 107 22.56 7.36 3.58
C PRO A 107 24.05 7.52 3.25
N GLY A 108 24.37 7.34 1.98
CA GLY A 108 25.73 7.30 1.49
C GLY A 108 26.26 5.89 1.31
N ASP A 109 25.66 4.90 1.97
CA ASP A 109 26.25 3.56 1.87
C ASP A 109 26.07 3.03 0.44
N GLN A 110 26.87 2.02 0.12
CA GLN A 110 26.77 1.39 -1.19
C GLN A 110 26.01 0.08 -1.09
N ILE A 111 25.40 -0.30 -2.23
CA ILE A 111 24.45 -1.43 -2.36
C ILE A 111 24.68 -2.04 -3.74
N LEU A 112 24.97 -3.34 -3.77
CA LEU A 112 25.58 -3.98 -4.93
C LEU A 112 24.50 -4.65 -5.73
N VAL A 113 24.46 -4.36 -7.03
CA VAL A 113 23.63 -5.13 -7.96
C VAL A 113 24.56 -5.87 -8.92
N GLN A 114 23.98 -6.76 -9.73
CA GLN A 114 24.71 -7.44 -10.80
C GLN A 114 24.14 -6.97 -12.14
N GLU A 115 24.69 -5.88 -12.67
CA GLU A 115 24.17 -5.32 -13.92
C GLU A 115 24.40 -6.28 -15.09
N PRO A 116 23.51 -6.28 -16.10
CA PRO A 116 22.26 -5.48 -16.13
C PRO A 116 21.17 -6.09 -15.29
N VAL A 117 20.37 -5.27 -14.61
CA VAL A 117 19.29 -5.76 -13.77
C VAL A 117 18.08 -4.85 -13.86
N TYR A 118 16.98 -5.31 -13.25
CA TYR A 118 15.67 -4.66 -13.30
C TYR A 118 15.72 -3.23 -12.78
N ASN A 119 15.33 -2.31 -13.64
CA ASN A 119 15.56 -0.89 -13.45
C ASN A 119 14.97 -0.36 -12.13
N MET A 120 13.92 -0.98 -11.59
CA MET A 120 13.41 -0.48 -10.30
C MET A 120 14.43 -0.63 -9.17
N PHE A 121 15.40 -1.52 -9.29
CA PHE A 121 16.46 -1.58 -8.27
C PHE A 121 17.25 -0.26 -8.18
N TYR A 122 17.50 0.41 -9.31
CA TYR A 122 18.17 1.70 -9.19
C TYR A 122 17.26 2.77 -8.59
N SER A 123 15.94 2.68 -8.79
CA SER A 123 15.09 3.77 -8.29
C SER A 123 15.09 3.78 -6.78
N VAL A 124 15.02 2.59 -6.18
CA VAL A 124 14.85 2.49 -4.75
C VAL A 124 16.19 2.70 -4.05
N ILE A 125 17.29 2.30 -4.68
CA ILE A 125 18.61 2.49 -4.11
C ILE A 125 18.98 3.98 -4.16
N GLU A 126 18.95 4.58 -5.35
CA GLU A 126 19.29 5.99 -5.50
C GLU A 126 18.24 6.92 -4.92
N GLY A 127 16.95 6.63 -5.10
CA GLY A 127 15.95 7.54 -4.60
C GLY A 127 15.97 7.70 -3.10
N ASN A 128 16.48 6.69 -2.38
CA ASN A 128 16.69 6.72 -0.93
C ASN A 128 18.06 7.26 -0.56
N GLY A 129 18.78 7.84 -1.50
CA GLY A 129 20.08 8.37 -1.13
C GLY A 129 21.10 7.30 -0.82
N ARG A 130 20.99 6.13 -1.44
CA ARG A 130 22.07 5.15 -1.38
C ARG A 130 22.77 5.12 -2.72
N ARG A 131 23.91 4.44 -2.76
CA ARG A 131 24.74 4.49 -3.96
C ARG A 131 24.85 3.11 -4.57
N VAL A 132 24.61 3.06 -5.89
CA VAL A 132 24.75 1.85 -6.68
C VAL A 132 26.21 1.59 -7.02
N ILE A 133 26.64 0.35 -6.79
CA ILE A 133 27.88 -0.20 -7.29
C ILE A 133 27.53 -1.54 -7.95
N SER A 134 28.08 -1.79 -9.13
CA SER A 134 27.78 -3.05 -9.80
C SER A 134 29.02 -3.91 -10.02
N SER A 135 28.88 -5.21 -9.81
CA SER A 135 29.80 -6.21 -10.36
C SER A 135 29.11 -6.72 -11.62
N ASP A 136 29.33 -5.99 -12.72
CA ASP A 136 28.68 -6.32 -13.97
C ASP A 136 28.83 -7.81 -14.30
N LEU A 137 27.75 -8.38 -14.82
CA LEU A 137 27.83 -9.74 -15.31
C LEU A 137 28.58 -9.74 -16.64
N ILE A 138 29.49 -10.70 -16.81
CA ILE A 138 30.32 -10.70 -18.01
C ILE A 138 29.47 -11.23 -19.17
N TYR A 139 29.25 -10.38 -20.18
CA TYR A 139 28.46 -10.76 -21.36
C TYR A 139 29.36 -11.44 -22.37
N GLU A 140 29.16 -12.74 -22.62
CA GLU A 140 29.94 -13.43 -23.69
C GLU A 140 29.08 -14.49 -24.37
N SER A 142 26.29 -15.56 -26.31
CA SER A 142 24.88 -15.09 -26.17
C SER A 142 24.44 -15.37 -24.73
N LYS A 143 25.24 -14.98 -23.74
CA LYS A 143 25.04 -15.30 -22.33
C LYS A 143 25.94 -14.50 -21.40
N TYR A 144 25.42 -14.32 -20.18
CA TYR A 144 26.07 -13.59 -19.10
C TYR A 144 26.69 -14.56 -18.09
N SER A 145 27.84 -14.17 -17.54
CA SER A 145 28.45 -14.96 -16.46
C SER A 145 28.97 -14.03 -15.35
N VAL A 146 29.32 -14.66 -14.19
CA VAL A 146 29.73 -13.93 -12.99
C VAL A 146 31.25 -13.85 -12.91
N ASN A 147 31.77 -12.66 -12.61
CA ASN A 147 33.15 -12.46 -12.21
C ASN A 147 33.22 -12.60 -10.69
N TRP A 148 33.57 -13.79 -10.22
CA TRP A 148 33.59 -14.07 -8.79
C TRP A 148 34.73 -13.35 -8.05
N ALA A 149 35.83 -13.06 -8.74
CA ALA A 149 36.88 -12.26 -8.11
C ALA A 149 36.38 -10.85 -7.82
N ASP A 150 35.78 -10.21 -8.82
CA ASP A 150 35.31 -8.85 -8.66
C ASP A 150 34.20 -8.76 -7.61
N LEU A 151 33.28 -9.75 -7.58
CA LEU A 151 32.11 -9.64 -6.71
C LEU A 151 32.54 -9.65 -5.24
N GLU A 152 33.50 -10.50 -4.91
CA GLU A 152 33.96 -10.57 -3.54
C GLU A 152 34.73 -9.31 -3.10
N GLU A 153 35.62 -8.77 -3.96
CA GLU A 153 36.28 -7.53 -3.59
C GLU A 153 35.27 -6.46 -3.22
N LYS A 154 34.26 -6.27 -4.05
CA LYS A 154 33.27 -5.22 -3.79
C LYS A 154 32.50 -5.48 -2.51
N LEU A 155 32.03 -6.72 -2.31
CA LEU A 155 31.31 -7.08 -1.10
C LEU A 155 32.17 -6.85 0.14
N ALA A 156 33.50 -7.05 0.01
CA ALA A 156 34.44 -6.79 1.09
C ALA A 156 34.65 -5.30 1.39
N THR A 157 34.35 -4.41 0.45
CA THR A 157 34.40 -2.99 0.73
C THR A 157 33.50 -2.63 1.92
N PRO A 158 34.00 -1.87 2.89
CA PRO A 158 33.23 -1.67 4.12
C PRO A 158 31.97 -0.89 3.89
N SER A 159 32.00 0.07 2.97
CA SER A 159 30.81 0.85 2.70
C SER A 159 29.78 0.10 1.86
N VAL A 160 30.06 -1.11 1.38
CA VAL A 160 29.03 -1.94 0.77
C VAL A 160 28.35 -2.72 1.89
N ARG A 161 27.08 -2.35 2.17
CA ARG A 161 26.30 -2.90 3.26
C ARG A 161 25.19 -3.86 2.84
N MET A 162 24.86 -3.93 1.55
CA MET A 162 23.68 -4.66 1.14
C MET A 162 23.89 -5.17 -0.26
N MET A 163 23.16 -6.23 -0.60
CA MET A 163 23.19 -6.73 -1.96
C MET A 163 21.78 -7.07 -2.41
N VAL A 164 21.34 -6.45 -3.51
CA VAL A 164 20.05 -6.75 -4.13
C VAL A 164 20.30 -7.79 -5.22
N PHE A 165 19.88 -9.02 -4.94
CA PHE A 165 20.10 -10.17 -5.79
C PHE A 165 18.80 -10.56 -6.47
N CYS A 166 18.81 -10.64 -7.79
CA CYS A 166 17.61 -10.92 -8.55
C CYS A 166 17.69 -12.39 -8.93
N ASN A 167 16.69 -13.18 -8.53
CA ASN A 167 16.80 -14.63 -8.56
C ASN A 167 15.41 -15.27 -8.71
N PRO A 168 15.03 -15.70 -9.93
CA PRO A 168 15.69 -15.63 -11.25
C PRO A 168 16.01 -14.21 -11.63
N HIS A 169 17.10 -14.02 -12.36
CA HIS A 169 17.64 -12.69 -12.65
C HIS A 169 16.89 -12.03 -13.81
N ASN A 170 16.11 -10.93 -13.53
CA ASN A 170 15.51 -10.06 -14.57
C ASN A 170 16.50 -8.96 -14.99
N PRO A 171 16.65 -8.65 -16.28
CA PRO A 171 15.98 -9.10 -17.51
C PRO A 171 16.61 -10.30 -18.22
N ILE A 172 17.74 -10.80 -17.72
CA ILE A 172 18.47 -11.87 -18.41
C ILE A 172 17.65 -13.15 -18.52
N GLY A 173 16.61 -13.30 -17.70
CA GLY A 173 15.83 -14.53 -17.64
C GLY A 173 16.63 -15.73 -17.20
N TYR A 174 17.35 -15.64 -16.07
CA TYR A 174 18.33 -16.66 -15.69
C TYR A 174 18.13 -17.05 -14.23
N ALA A 175 17.91 -18.33 -13.99
CA ALA A 175 17.64 -18.82 -12.65
C ALA A 175 18.90 -19.49 -12.13
N TRP A 176 19.45 -18.92 -11.06
CA TRP A 176 20.81 -19.26 -10.70
C TRP A 176 20.88 -20.67 -10.13
N SER A 177 22.07 -21.23 -10.23
CA SER A 177 22.30 -22.57 -9.76
C SER A 177 22.23 -22.61 -8.24
N GLU A 178 21.83 -23.77 -7.70
CA GLU A 178 21.95 -23.98 -6.26
C GLU A 178 23.37 -23.65 -5.80
N GLU A 179 24.37 -24.02 -6.62
CA GLU A 179 25.77 -23.65 -6.40
C GLU A 179 25.94 -22.14 -6.27
N GLU A 180 25.52 -21.43 -7.31
CA GLU A 180 25.71 -19.99 -7.37
C GLU A 180 24.97 -19.32 -6.21
N VAL A 181 23.73 -19.77 -5.93
CA VAL A 181 22.92 -19.11 -4.92
C VAL A 181 23.59 -19.22 -3.54
N LYS A 182 24.12 -20.39 -3.19
CA LYS A 182 24.74 -20.52 -1.89
C LYS A 182 26.11 -19.85 -1.83
N ARG A 183 26.83 -19.82 -2.96
CA ARG A 183 28.12 -19.14 -2.96
C ARG A 183 27.95 -17.65 -2.68
N ILE A 184 26.98 -17.03 -3.35
CA ILE A 184 26.65 -15.64 -3.06
C ILE A 184 26.25 -15.46 -1.59
N ALA A 185 25.43 -16.34 -1.05
CA ALA A 185 25.04 -16.14 0.36
C ALA A 185 26.22 -16.30 1.30
N GLU A 186 27.22 -17.09 0.92
CA GLU A 186 28.38 -17.27 1.80
C GLU A 186 29.25 -16.03 1.81
N LEU A 187 29.51 -15.47 0.62
CA LEU A 187 30.32 -14.26 0.51
C LEU A 187 29.67 -13.10 1.27
N CYS A 188 28.34 -12.91 1.08
CA CYS A 188 27.64 -11.84 1.82
C CYS A 188 27.87 -11.97 3.31
N ALA A 189 27.62 -13.16 3.85
CA ALA A 189 27.75 -13.40 5.29
C ALA A 189 29.21 -13.29 5.72
N LYS A 190 30.12 -13.85 4.92
CA LYS A 190 31.53 -13.64 5.18
C LYS A 190 31.80 -12.17 5.46
N HIS A 191 31.24 -11.29 4.64
CA HIS A 191 31.53 -9.86 4.73
C HIS A 191 30.41 -9.05 5.37
N GLN A 192 29.51 -9.72 6.11
CA GLN A 192 28.45 -9.06 6.89
C GLN A 192 27.67 -8.06 6.05
N VAL A 193 27.43 -8.43 4.78
CA VAL A 193 26.55 -7.73 3.87
C VAL A 193 25.18 -8.43 3.85
N LEU A 194 24.12 -7.65 4.00
CA LEU A 194 22.74 -8.17 3.92
C LEU A 194 22.32 -8.53 2.48
N LEU A 195 21.78 -9.73 2.29
CA LEU A 195 21.48 -10.22 0.94
C LEU A 195 19.96 -10.26 0.77
N ILE A 196 19.45 -9.47 -0.20
CA ILE A 196 18.04 -9.28 -0.48
C ILE A 196 17.72 -10.00 -1.79
N SER A 197 17.01 -11.12 -1.69
CA SER A 197 16.85 -12.02 -2.85
C SER A 197 15.48 -11.74 -3.46
N ASP A 198 15.46 -10.97 -4.53
CA ASP A 198 14.21 -10.72 -5.23
C ASP A 198 13.89 -11.98 -6.01
N GLU A 199 12.90 -12.74 -5.53
CA GLU A 199 12.55 -14.02 -6.13
C GLU A 199 11.16 -13.98 -6.77
N ILE A 200 10.68 -12.78 -7.13
CA ILE A 200 9.33 -12.58 -7.61
C ILE A 200 9.05 -13.33 -8.90
N HIS A 201 10.11 -13.78 -9.56
CA HIS A 201 9.96 -14.49 -10.86
C HIS A 201 10.18 -15.99 -10.69
N GLY A 202 10.39 -16.47 -9.46
CA GLY A 202 10.74 -17.87 -9.27
C GLY A 202 9.69 -18.87 -9.75
N ASP A 203 8.40 -18.46 -9.81
CA ASP A 203 7.37 -19.42 -10.19
C ASP A 203 7.26 -19.58 -11.70
N LEU A 204 8.09 -18.85 -12.44
CA LEU A 204 7.96 -18.71 -13.88
C LEU A 204 9.23 -19.11 -14.59
N VAL A 205 10.07 -19.90 -13.92
CA VAL A 205 11.14 -20.61 -14.61
C VAL A 205 10.50 -21.64 -15.56
N LEU A 206 10.77 -21.50 -16.86
CA LEU A 206 10.18 -22.34 -17.91
C LEU A 206 10.83 -23.70 -17.97
N THR A 207 12.11 -23.78 -17.70
CA THR A 207 12.73 -25.08 -17.57
C THR A 207 12.41 -25.65 -16.20
N ASP A 208 12.60 -26.97 -16.05
CA ASP A 208 12.34 -27.66 -14.76
C ASP A 208 13.52 -27.34 -13.88
N GLU A 209 14.44 -26.55 -14.42
CA GLU A 209 15.57 -26.14 -13.56
C GLU A 209 15.03 -25.19 -12.49
N ASP A 210 14.65 -25.74 -11.33
CA ASP A 210 13.96 -24.94 -10.28
C ASP A 210 14.86 -23.90 -9.62
N ILE A 211 14.24 -22.94 -8.95
CA ILE A 211 14.96 -21.86 -8.24
C ILE A 211 15.33 -22.38 -6.87
N THR A 212 16.50 -21.99 -6.38
CA THR A 212 16.88 -22.25 -5.00
C THR A 212 16.71 -20.97 -4.19
N PRO A 213 15.58 -20.78 -3.53
CA PRO A 213 15.37 -19.53 -2.80
C PRO A 213 16.44 -19.33 -1.73
N ALA A 214 16.93 -18.08 -1.64
CA ALA A 214 18.00 -17.80 -0.67
C ALA A 214 17.66 -18.29 0.72
N PHE A 215 16.36 -18.33 1.07
CA PHE A 215 16.05 -18.78 2.42
C PHE A 215 16.47 -20.24 2.66
N THR A 216 16.75 -21.03 1.61
CA THR A 216 17.15 -22.43 1.86
C THR A 216 18.59 -22.59 2.32
N VAL A 217 19.47 -21.60 2.05
CA VAL A 217 20.87 -21.73 2.46
C VAL A 217 20.98 -21.94 3.98
N ASP A 218 22.01 -22.68 4.40
CA ASP A 218 22.15 -23.12 5.79
C ASP A 218 22.71 -22.03 6.71
N TRP A 219 22.89 -22.39 7.98
CA TRP A 219 22.89 -21.44 9.10
C TRP A 219 24.19 -20.67 9.31
N ASP A 220 25.24 -20.97 8.57
CA ASP A 220 26.28 -19.96 8.45
C ASP A 220 25.68 -18.63 8.01
N ALA A 221 24.84 -18.67 6.98
CA ALA A 221 24.50 -17.56 6.14
C ALA A 221 23.00 -17.35 6.10
N LYS A 222 22.21 -18.27 6.64
CA LYS A 222 20.77 -18.06 6.65
C LYS A 222 20.44 -16.83 7.47
N ASN A 223 21.25 -16.53 8.48
CA ASN A 223 21.07 -15.29 9.23
C ASN A 223 21.28 -14.01 8.42
N TRP A 224 21.72 -14.04 7.17
CA TRP A 224 22.00 -12.79 6.43
C TRP A 224 21.12 -12.60 5.20
N VAL A 225 20.07 -13.39 5.05
CA VAL A 225 19.34 -13.45 3.78
C VAL A 225 17.90 -13.01 4.01
N VAL A 226 17.33 -12.45 2.96
CA VAL A 226 15.94 -12.07 2.92
C VAL A 226 15.44 -12.45 1.55
N SER A 227 14.35 -13.21 1.51
CA SER A 227 13.67 -13.56 0.27
C SER A 227 12.36 -12.78 0.15
N LEU A 228 12.08 -12.31 -1.06
CA LEU A 228 10.85 -11.63 -1.40
C LEU A 228 10.20 -12.41 -2.53
N ILE A 229 8.93 -12.76 -2.33
CA ILE A 229 8.09 -13.41 -3.31
C ILE A 229 6.73 -12.70 -3.30
N SER A 230 5.92 -13.10 -4.27
CA SER A 230 4.70 -12.41 -4.61
C SER A 230 3.97 -13.17 -5.72
N PRO A 231 2.64 -13.29 -5.60
CA PRO A 231 1.81 -13.78 -6.70
C PRO A 231 1.64 -12.81 -7.85
N SER A 232 2.20 -11.59 -7.79
CA SER A 232 1.79 -10.54 -8.73
C SER A 232 2.23 -10.83 -10.17
N1 LLP A 233 11.20 -7.57 -9.09
C2 LLP A 233 11.31 -8.20 -10.26
C2' LLP A 233 12.51 -9.05 -10.49
C3 LLP A 233 10.34 -8.05 -11.25
O3 LLP A 233 10.50 -8.71 -12.41
C4 LLP A 233 9.22 -7.24 -11.00
C4' LLP A 233 8.20 -7.10 -12.05
C5 LLP A 233 9.11 -6.60 -9.76
C6 LLP A 233 10.12 -6.79 -8.85
C5' LLP A 233 7.95 -5.70 -9.44
OP4 LLP A 233 7.81 -5.37 -8.02
P LLP A 233 6.46 -4.68 -7.47
OP1 LLP A 233 6.80 -4.16 -6.09
OP2 LLP A 233 6.14 -3.58 -8.46
OP3 LLP A 233 5.41 -5.76 -7.43
N LLP A 233 3.48 -11.27 -10.35
CA LLP A 233 3.99 -11.61 -11.67
CB LLP A 233 5.54 -11.66 -11.65
CG LLP A 233 6.30 -10.35 -11.43
CD LLP A 233 6.30 -9.47 -12.70
CE LLP A 233 6.54 -7.95 -12.49
NZ LLP A 233 7.89 -7.49 -12.06
C LLP A 233 3.43 -12.94 -12.13
O LLP A 233 2.98 -13.09 -13.27
N THR A 234 3.43 -13.94 -11.24
CA THR A 234 2.99 -15.29 -11.58
C THR A 234 1.55 -15.30 -12.09
N PHE A 235 0.67 -14.58 -11.40
CA PHE A 235 -0.75 -14.72 -11.60
C PHE A 235 -1.37 -13.50 -12.23
N ASN A 236 -0.53 -12.59 -12.76
CA ASN A 236 -0.98 -11.35 -13.41
C ASN A 236 -1.77 -10.44 -12.48
N LEU A 237 -1.16 -10.12 -11.34
CA LEU A 237 -1.81 -9.42 -10.22
C LEU A 237 -0.94 -8.25 -9.71
N ALA A 238 -0.40 -7.40 -10.60
CA ALA A 238 0.49 -6.34 -10.13
C ALA A 238 -0.25 -5.33 -9.26
N ALA A 239 -1.57 -5.19 -9.43
CA ALA A 239 -2.36 -4.22 -8.66
C ALA A 239 -3.02 -4.83 -7.44
N LEU A 240 -2.73 -6.10 -7.14
CA LEU A 240 -3.27 -6.69 -5.91
C LEU A 240 -2.59 -6.08 -4.69
N HIS A 241 -1.29 -5.83 -4.79
CA HIS A 241 -0.43 -5.32 -3.72
C HIS A 241 -0.35 -6.32 -2.59
N ALA A 242 0.19 -7.50 -2.92
CA ALA A 242 0.32 -8.57 -1.97
C ALA A 242 1.65 -9.27 -2.19
N ALA A 243 2.38 -9.51 -1.11
CA ALA A 243 3.72 -10.03 -1.23
C ALA A 243 4.11 -10.66 0.09
N CYS A 244 5.33 -11.18 0.13
CA CYS A 244 5.83 -11.88 1.29
C CYS A 244 7.35 -11.82 1.36
N ALA A 245 7.87 -11.38 2.50
CA ALA A 245 9.29 -11.42 2.82
C ALA A 245 9.55 -12.62 3.72
N ILE A 246 10.52 -13.46 3.36
CA ILE A 246 10.91 -14.63 4.15
C ILE A 246 12.23 -14.29 4.81
N ILE A 247 12.28 -14.22 6.13
CA ILE A 247 13.46 -13.70 6.77
C ILE A 247 13.82 -14.61 7.94
N PRO A 248 14.76 -15.53 7.74
CA PRO A 248 15.07 -16.50 8.80
C PRO A 248 15.50 -15.87 10.12
N ASN A 249 16.41 -14.89 10.08
CA ASN A 249 16.94 -14.23 11.29
C ASN A 249 15.78 -13.51 11.96
N PRO A 250 15.54 -13.73 13.25
CA PRO A 250 14.33 -13.15 13.86
C PRO A 250 14.50 -11.70 14.25
N ASP A 251 15.73 -11.29 14.59
CA ASP A 251 15.90 -9.89 14.95
C ASP A 251 15.92 -9.04 13.69
N LEU A 252 16.51 -9.57 12.63
CA LEU A 252 16.34 -8.95 11.33
C LEU A 252 14.86 -8.90 10.92
N ARG A 253 14.13 -10.02 11.08
CA ARG A 253 12.71 -10.08 10.70
C ARG A 253 11.87 -9.06 11.48
N ALA A 254 12.10 -8.95 12.79
CA ALA A 254 11.33 -8.02 13.59
C ALA A 254 11.56 -6.58 13.13
N ARG A 255 12.83 -6.23 12.78
CA ARG A 255 13.12 -4.89 12.30
C ARG A 255 12.48 -4.61 10.94
N ALA A 256 12.62 -5.52 9.97
CA ALA A 256 12.01 -5.26 8.66
C ALA A 256 10.51 -5.09 8.78
N GLU A 257 9.90 -5.85 9.72
CA GLU A 257 8.46 -5.75 9.94
C GLU A 257 8.08 -4.35 10.42
N GLU A 258 8.84 -3.80 11.36
CA GLU A 258 8.46 -2.46 11.75
C GLU A 258 8.76 -1.44 10.63
N SER A 259 9.63 -1.76 9.70
CA SER A 259 9.83 -0.78 8.64
C SER A 259 8.72 -0.83 7.61
N PHE A 260 8.14 -2.02 7.39
CA PHE A 260 6.96 -2.14 6.54
C PHE A 260 5.79 -1.36 7.11
N PHE A 261 5.60 -1.44 8.43
CA PHE A 261 4.44 -0.79 9.03
C PHE A 261 4.56 0.72 8.96
N LEU A 262 5.76 1.24 9.11
CA LEU A 262 5.95 2.70 9.06
C LEU A 262 5.85 3.18 7.62
N ALA A 263 6.29 2.39 6.65
CA ALA A 263 6.12 2.85 5.28
C ALA A 263 4.67 2.82 4.87
N GLY A 264 3.86 2.02 5.57
CA GLY A 264 2.46 1.91 5.27
C GLY A 264 2.18 0.85 4.21
N ILE A 265 3.01 -0.19 4.15
CA ILE A 265 2.93 -1.31 3.23
C ILE A 265 2.79 -2.62 3.99
N GLY A 266 2.66 -2.58 5.30
CA GLY A 266 2.61 -3.79 6.08
C GLY A 266 1.20 -4.33 6.33
N GLU A 267 0.18 -3.67 5.79
CA GLU A 267 -1.24 -3.90 6.04
C GLU A 267 -1.98 -4.27 4.74
N PRO A 268 -2.75 -5.37 4.69
CA PRO A 268 -3.35 -5.78 3.40
C PRO A 268 -4.58 -4.96 3.00
N ASN A 269 -4.74 -4.73 1.69
CA ASN A 269 -6.03 -4.19 1.25
C ASN A 269 -7.13 -5.27 1.35
N LEU A 270 -8.34 -4.84 0.96
CA LEU A 270 -9.58 -5.68 1.05
C LEU A 270 -9.50 -6.99 0.27
N LEU A 271 -8.60 -7.10 -0.67
CA LEU A 271 -8.54 -8.29 -1.53
C LEU A 271 -7.29 -9.13 -1.32
N ALA A 272 -6.17 -8.46 -1.01
CA ALA A 272 -4.85 -9.09 -0.93
C ALA A 272 -4.86 -10.46 -0.25
N ILE A 273 -5.52 -10.57 0.89
CA ILE A 273 -5.36 -11.81 1.64
C ILE A 273 -6.08 -12.95 0.94
N PRO A 274 -7.38 -12.84 0.65
CA PRO A 274 -8.06 -14.00 0.06
C PRO A 274 -7.63 -14.29 -1.37
N ALA A 275 -7.26 -13.28 -2.17
CA ALA A 275 -6.82 -13.63 -3.51
C ALA A 275 -5.50 -14.38 -3.43
N ALA A 276 -4.63 -13.95 -2.54
CA ALA A 276 -3.30 -14.53 -2.46
C ALA A 276 -3.37 -15.96 -1.95
N ILE A 277 -4.17 -16.18 -0.90
CA ILE A 277 -4.41 -17.54 -0.41
C ILE A 277 -5.00 -18.40 -1.54
N ALA A 278 -5.95 -17.84 -2.32
CA ALA A 278 -6.50 -18.59 -3.44
C ALA A 278 -5.38 -18.99 -4.38
N ALA A 279 -4.54 -18.01 -4.74
CA ALA A 279 -3.44 -18.28 -5.69
C ALA A 279 -2.47 -19.33 -5.16
N TYR A 280 -2.04 -19.19 -3.90
CA TYR A 280 -1.04 -20.12 -3.33
C TYR A 280 -1.60 -21.51 -3.04
N GLU A 281 -2.93 -21.64 -2.89
CA GLU A 281 -3.54 -22.95 -2.60
C GLU A 281 -4.08 -23.67 -3.83
N GLU A 282 -4.57 -22.92 -4.84
CA GLU A 282 -5.31 -23.52 -5.96
C GLU A 282 -4.84 -23.09 -7.35
N GLY A 283 -3.77 -22.31 -7.45
CA GLY A 283 -3.32 -21.82 -8.73
C GLY A 283 -2.31 -22.70 -9.43
N HIS A 284 -1.97 -23.86 -8.85
CA HIS A 284 -0.98 -24.74 -9.48
C HIS A 284 -1.42 -25.17 -10.88
N ASN A 285 -2.67 -25.57 -11.06
CA ASN A 285 -3.09 -26.07 -12.38
C ASN A 285 -3.17 -24.95 -13.39
N TRP A 286 -3.76 -23.81 -13.00
CA TRP A 286 -3.78 -22.64 -13.87
C TRP A 286 -2.37 -22.27 -14.34
N LEU A 287 -1.40 -22.31 -13.42
CA LEU A 287 -0.01 -21.90 -13.76
C LEU A 287 0.63 -22.93 -14.68
N ARG A 288 0.44 -24.21 -14.40
CA ARG A 288 0.98 -25.29 -15.27
C ARG A 288 0.59 -24.98 -16.72
N GLU A 289 -0.66 -24.57 -16.92
CA GLU A 289 -1.14 -24.32 -18.29
C GLU A 289 -0.61 -23.00 -18.84
N LEU A 290 -0.43 -21.99 -17.98
CA LEU A 290 0.29 -20.77 -18.40
C LEU A 290 1.68 -21.09 -18.92
N LYS A 291 2.44 -21.90 -18.19
CA LYS A 291 3.83 -22.15 -18.58
C LYS A 291 3.91 -22.84 -19.95
N GLN A 292 2.99 -23.77 -20.24
CA GLN A 292 2.96 -24.35 -21.58
C GLN A 292 2.65 -23.27 -22.62
N VAL A 293 1.81 -22.29 -22.28
CA VAL A 293 1.53 -21.25 -23.28
C VAL A 293 2.78 -20.47 -23.55
N LEU A 294 3.61 -20.30 -22.51
CA LEU A 294 4.80 -19.46 -22.63
C LEU A 294 5.97 -20.19 -23.26
N ARG A 295 6.17 -21.48 -22.96
CA ARG A 295 7.21 -22.19 -23.70
C ARG A 295 6.89 -22.20 -25.19
N ASP A 296 5.60 -22.32 -25.53
CA ASP A 296 5.13 -22.26 -26.92
C ASP A 296 5.50 -20.94 -27.59
N ASN A 297 5.10 -19.82 -26.99
CA ASN A 297 5.41 -18.52 -27.56
C ASN A 297 6.91 -18.23 -27.54
N PHE A 298 7.65 -18.69 -26.51
CA PHE A 298 9.11 -18.63 -26.55
C PHE A 298 9.67 -19.44 -27.72
N ALA A 299 9.15 -20.68 -27.88
CA ALA A 299 9.50 -21.51 -29.04
C ALA A 299 9.19 -20.79 -30.34
N TYR A 300 7.95 -20.31 -30.49
CA TYR A 300 7.60 -19.64 -31.74
C TYR A 300 8.44 -18.40 -31.94
N ALA A 301 8.84 -17.76 -30.83
CA ALA A 301 9.58 -16.51 -30.91
C ALA A 301 10.99 -16.74 -31.42
N ARG A 302 11.70 -17.70 -30.83
CA ARG A 302 13.12 -17.86 -31.17
C ARG A 302 13.29 -18.43 -32.57
N GLU A 303 12.40 -19.34 -32.99
CA GLU A 303 12.49 -19.91 -34.34
C GLU A 303 12.24 -18.84 -35.40
N PHE A 304 11.25 -17.96 -35.18
CA PHE A 304 10.94 -16.91 -36.15
C PHE A 304 12.07 -15.89 -36.22
N LEU A 305 12.53 -15.41 -35.06
CA LEU A 305 13.69 -14.52 -35.08
C LEU A 305 14.92 -15.23 -35.64
N ALA A 306 15.05 -16.53 -35.40
CA ALA A 306 16.21 -17.22 -36.04
C ALA A 306 15.87 -17.60 -37.48
N VAL A 309 14.96 -12.94 -38.50
CA VAL A 309 15.80 -11.82 -37.98
C VAL A 309 17.14 -12.37 -37.44
N PRO A 310 18.10 -12.86 -38.25
CA PRO A 310 19.39 -13.31 -37.73
C PRO A 310 20.35 -12.15 -37.42
N GLU A 311 19.98 -10.90 -37.69
CA GLU A 311 20.80 -9.79 -37.18
C GLU A 311 20.51 -9.51 -35.70
N VAL A 312 19.51 -10.19 -35.13
CA VAL A 312 19.25 -10.13 -33.70
C VAL A 312 19.46 -11.51 -33.12
N LYS A 313 19.55 -11.56 -31.80
CA LYS A 313 19.96 -12.79 -31.12
C LYS A 313 19.08 -12.95 -29.88
N VAL A 314 18.09 -13.82 -29.93
CA VAL A 314 17.34 -14.18 -28.72
C VAL A 314 18.22 -15.09 -27.91
N LEU A 315 18.70 -14.61 -26.79
CA LEU A 315 19.68 -15.43 -26.08
C LEU A 315 18.92 -16.35 -25.14
N ASP A 316 19.61 -17.41 -24.71
CA ASP A 316 18.98 -18.54 -24.04
C ASP A 316 18.44 -18.12 -22.66
N SER A 317 17.11 -17.98 -22.58
CA SER A 317 16.37 -17.69 -21.36
C SER A 317 15.82 -19.00 -20.84
N ASN A 318 15.95 -19.17 -19.53
CA ASN A 318 15.41 -20.36 -18.86
C ASN A 318 14.22 -19.86 -18.03
N ALA A 319 13.95 -18.56 -18.12
CA ALA A 319 12.85 -17.95 -17.36
C ALA A 319 12.43 -16.65 -18.06
N TYR A 321 9.65 -15.25 -19.04
CA TYR A 321 8.94 -15.02 -20.32
C TYR A 321 9.34 -13.76 -21.06
N LEU A 322 9.94 -12.83 -20.37
CA LEU A 322 10.58 -11.72 -21.06
C LEU A 322 11.78 -12.22 -21.85
N ALA A 323 11.69 -12.12 -23.18
CA ALA A 323 12.78 -12.47 -24.08
C ALA A 323 13.79 -11.32 -24.14
N TRP A 324 15.00 -11.56 -23.65
CA TRP A 324 16.14 -10.61 -23.70
C TRP A 324 16.86 -10.79 -25.03
N VAL A 325 16.60 -9.89 -25.98
CA VAL A 325 17.04 -10.01 -27.37
C VAL A 325 18.21 -9.10 -27.63
N ASP A 326 19.30 -9.67 -28.14
CA ASP A 326 20.49 -8.89 -28.49
C ASP A 326 20.34 -8.25 -29.87
N ILE A 327 20.37 -6.93 -29.93
CA ILE A 327 20.30 -6.21 -31.20
C ILE A 327 21.65 -5.57 -31.56
N SER A 328 22.75 -6.10 -31.00
CA SER A 328 24.05 -5.51 -31.25
C SER A 328 24.44 -5.55 -32.73
N ALA A 329 23.90 -6.50 -33.50
CA ALA A 329 24.25 -6.60 -34.93
C ALA A 329 23.54 -5.60 -35.82
N LEU A 330 22.51 -4.90 -35.33
CA LEU A 330 21.93 -3.82 -36.12
C LEU A 330 22.60 -2.48 -35.84
N GLY A 331 23.57 -2.48 -34.92
CA GLY A 331 24.34 -1.31 -34.51
C GLY A 331 23.52 -0.12 -34.05
N MET A 332 22.32 -0.37 -33.50
CA MET A 332 21.39 0.68 -33.09
C MET A 332 21.19 0.64 -31.57
N ASN A 333 21.23 1.82 -30.95
CA ASN A 333 20.84 1.95 -29.54
C ASN A 333 19.45 1.41 -29.31
N ALA A 334 19.30 0.66 -28.21
CA ALA A 334 18.01 0.04 -27.89
C ALA A 334 16.88 1.06 -27.94
N GLU A 335 17.01 2.17 -27.19
CA GLU A 335 15.94 3.19 -27.13
C GLU A 335 15.56 3.70 -28.52
N ASP A 336 16.54 4.22 -29.26
CA ASP A 336 16.29 4.67 -30.63
C ASP A 336 15.64 3.58 -31.48
N PHE A 337 16.02 2.33 -31.27
CA PHE A 337 15.34 1.23 -31.94
C PHE A 337 13.89 1.12 -31.47
N CYS A 338 13.68 0.95 -30.16
CA CYS A 338 12.32 0.75 -29.67
C CYS A 338 11.46 1.95 -30.01
N LYS A 339 12.05 3.15 -30.09
CA LYS A 339 11.30 4.34 -30.49
C LYS A 339 10.89 4.27 -31.95
N TYR A 340 11.82 3.87 -32.82
CA TYR A 340 11.51 3.77 -34.24
C TYR A 340 10.53 2.64 -34.53
N LEU A 341 10.59 1.56 -33.74
CA LEU A 341 9.69 0.44 -33.89
C LEU A 341 8.24 0.84 -33.63
N ARG A 342 7.98 1.39 -32.45
CA ARG A 342 6.65 1.93 -32.14
C ARG A 342 6.19 2.86 -33.24
N GLU A 343 7.13 3.54 -33.87
CA GLU A 343 6.71 4.60 -34.75
C GLU A 343 6.07 4.09 -36.03
N LYS A 344 6.83 3.34 -36.82
CA LYS A 344 6.31 2.88 -38.08
C LYS A 344 5.48 1.59 -37.94
N THR A 345 5.71 0.78 -36.90
CA THR A 345 5.01 -0.51 -36.83
C THR A 345 3.94 -0.61 -35.75
N GLY A 346 3.96 0.26 -34.74
CA GLY A 346 3.03 0.19 -33.64
C GLY A 346 3.41 -0.76 -32.51
N LEU A 347 4.49 -1.51 -32.63
CA LEU A 347 4.87 -2.47 -31.59
C LEU A 347 5.74 -1.78 -30.54
N ILE A 348 5.34 -1.91 -29.27
CA ILE A 348 6.02 -1.24 -28.17
C ILE A 348 6.77 -2.31 -27.38
N ILE A 349 8.09 -2.12 -27.22
CA ILE A 349 8.92 -3.07 -26.47
C ILE A 349 9.97 -2.32 -25.64
N SER A 350 10.44 -2.98 -24.58
CA SER A 350 11.24 -2.32 -23.53
C SER A 350 12.68 -2.16 -23.99
N ALA A 351 13.20 -0.93 -23.98
CA ALA A 351 14.59 -0.72 -24.33
C ALA A 351 15.49 -1.25 -23.22
N GLY A 352 16.66 -1.74 -23.61
CA GLY A 352 17.55 -2.33 -22.63
C GLY A 352 18.27 -1.32 -21.77
N ASN A 353 18.38 -0.06 -22.25
CA ASN A 353 19.14 0.98 -21.55
C ASN A 353 18.79 1.08 -20.08
N GLY A 354 17.50 1.19 -19.76
CA GLY A 354 17.05 1.36 -18.38
C GLY A 354 17.59 0.34 -17.40
N TYR A 355 18.10 -0.78 -17.91
CA TYR A 355 18.55 -1.89 -17.04
C TYR A 355 20.05 -1.75 -16.78
N ARG A 356 20.62 -0.70 -17.37
CA ARG A 356 22.07 -0.36 -17.27
C ARG A 356 22.92 -1.55 -17.79
N GLY A 357 24.15 -1.82 -17.28
CA GLY A 357 25.06 -2.84 -17.82
C GLY A 357 25.30 -2.59 -19.28
N ASN A 358 25.18 -3.64 -20.07
CA ASN A 358 25.27 -3.46 -21.51
C ASN A 358 23.90 -3.47 -22.16
N GLY A 359 22.90 -2.94 -21.44
CA GLY A 359 21.52 -3.02 -21.89
C GLY A 359 21.23 -2.27 -23.16
N HIS A 360 22.03 -1.23 -23.46
CA HIS A 360 21.72 -0.40 -24.63
C HIS A 360 21.84 -1.17 -25.93
N GLU A 361 22.32 -2.42 -25.89
CA GLU A 361 22.38 -3.28 -27.06
C GLU A 361 21.35 -4.41 -27.02
N PHE A 362 20.34 -4.31 -26.16
CA PHE A 362 19.34 -5.35 -26.01
C PHE A 362 17.93 -4.78 -25.94
N VAL A 363 16.96 -5.56 -26.38
CA VAL A 363 15.56 -5.26 -26.11
C VAL A 363 14.98 -6.38 -25.25
N ARG A 364 13.99 -6.02 -24.42
CA ARG A 364 13.26 -6.97 -23.61
C ARG A 364 11.84 -7.07 -24.19
N ILE A 365 11.37 -8.31 -24.42
CA ILE A 365 10.10 -8.53 -25.11
C ILE A 365 9.19 -9.41 -24.28
N ASN A 366 8.04 -8.89 -23.91
CA ASN A 366 7.03 -9.61 -23.15
C ASN A 366 6.25 -10.58 -24.04
N LEU A 367 6.22 -11.84 -23.62
CA LEU A 367 5.61 -12.92 -24.40
C LEU A 367 4.36 -13.50 -23.75
N ALA A 368 4.04 -13.08 -22.51
CA ALA A 368 2.82 -13.51 -21.85
C ALA A 368 1.63 -12.80 -22.47
N CYS A 369 1.34 -13.16 -23.71
CA CYS A 369 0.13 -12.79 -24.43
C CYS A 369 -0.24 -13.92 -25.37
N PRO A 370 -1.49 -14.00 -25.82
CA PRO A 370 -1.93 -15.13 -26.67
C PRO A 370 -1.08 -15.22 -27.93
N LYS A 371 -0.85 -16.47 -28.39
CA LYS A 371 0.12 -16.69 -29.45
C LYS A 371 -0.15 -15.79 -30.67
N GLU A 372 -1.40 -15.37 -30.87
CA GLU A 372 -1.70 -14.54 -32.04
C GLU A 372 -1.03 -13.17 -31.94
N LEU A 373 -1.09 -12.56 -30.75
CA LEU A 373 -0.39 -11.29 -30.54
C LEU A 373 1.11 -11.48 -30.68
N VAL A 374 1.66 -12.58 -30.14
CA VAL A 374 3.05 -12.92 -30.42
C VAL A 374 3.30 -13.00 -31.93
N ILE A 375 2.39 -13.62 -32.68
CA ILE A 375 2.54 -13.67 -34.13
C ILE A 375 2.65 -12.26 -34.70
N ASP A 376 1.65 -11.43 -34.40
CA ASP A 376 1.62 -10.06 -34.90
C ASP A 376 2.87 -9.28 -34.51
N GLY A 377 3.31 -9.40 -33.24
CA GLY A 377 4.50 -8.68 -32.79
C GLY A 377 5.77 -9.05 -33.54
N MET A 378 6.08 -10.36 -33.61
CA MET A 378 7.27 -10.84 -34.33
C MET A 378 7.32 -10.35 -35.78
N GLN A 379 6.20 -10.42 -36.52
CA GLN A 379 6.17 -9.87 -37.88
C GLN A 379 6.48 -8.37 -37.88
N ARG A 380 5.80 -7.61 -36.99
CA ARG A 380 6.09 -6.19 -36.81
C ARG A 380 7.58 -5.95 -36.62
N LEU A 381 8.19 -6.70 -35.70
CA LEU A 381 9.63 -6.56 -35.44
C LEU A 381 10.46 -6.82 -36.70
N LYS A 382 10.15 -7.89 -37.44
CA LYS A 382 10.87 -8.18 -38.68
C LYS A 382 10.68 -7.03 -39.67
N GLN A 383 9.41 -6.65 -39.91
CA GLN A 383 9.05 -5.45 -40.66
C GLN A 383 9.96 -4.26 -40.34
N GLY A 384 10.14 -4.00 -39.04
CA GLY A 384 11.03 -2.92 -38.64
C GLY A 384 12.45 -3.12 -39.12
N VAL A 385 13.03 -4.29 -38.82
CA VAL A 385 14.40 -4.55 -39.18
C VAL A 385 14.63 -4.43 -40.68
N LEU A 386 13.56 -4.54 -41.49
CA LEU A 386 13.81 -4.44 -42.92
C LEU A 386 13.74 -3.02 -43.45
N ASN A 387 12.92 -2.15 -42.83
CA ASN A 387 12.84 -0.74 -43.24
C ASN A 387 14.08 0.05 -42.86
N LEU A 388 14.88 -0.44 -41.91
CA LEU A 388 16.16 0.20 -41.62
C LEU A 388 17.09 0.06 -42.81
N ASN A 389 16.92 -1.00 -43.61
CA ASN A 389 17.79 -1.31 -44.74
C ASN A 389 17.16 -0.93 -46.08
N ASN A 390 16.16 -0.05 -46.06
CA ASN A 390 15.56 0.48 -47.29
C ASN A 390 15.39 1.99 -47.24
N MET B 1 -41.74 5.73 10.33
CA MET B 1 -40.56 6.54 9.96
C MET B 1 -40.56 6.93 8.44
N ALA B 2 -39.45 7.53 7.99
CA ALA B 2 -39.22 7.89 6.56
C ALA B 2 -38.35 6.74 6.10
N GLU B 3 -38.80 5.97 5.11
CA GLU B 3 -38.10 4.72 4.81
C GLU B 3 -36.75 4.99 4.15
N LYS B 4 -35.72 4.32 4.66
CA LYS B 4 -34.36 4.53 4.20
C LYS B 4 -34.10 3.65 2.99
N GLN B 5 -33.49 4.26 1.96
CA GLN B 5 -33.28 3.58 0.68
C GLN B 5 -32.31 2.42 0.83
N TYR B 6 -31.47 2.45 1.87
CA TYR B 6 -30.32 1.58 2.01
C TYR B 6 -30.38 0.91 3.38
N ASP B 7 -29.62 -0.18 3.50
CA ASP B 7 -29.70 -1.01 4.73
C ASP B 7 -28.74 -0.56 5.83
N PHE B 8 -29.29 -0.04 6.92
CA PHE B 8 -28.48 0.31 8.07
C PHE B 8 -28.82 -0.58 9.26
N THR B 9 -29.47 -1.71 9.01
CA THR B 9 -29.89 -2.61 10.07
C THR B 9 -29.10 -3.92 10.11
N HIS B 10 -28.52 -4.34 8.98
CA HIS B 10 -27.95 -5.67 8.86
C HIS B 10 -26.42 -5.60 9.00
N VAL B 11 -25.89 -6.28 10.01
CA VAL B 11 -24.45 -6.29 10.29
C VAL B 11 -23.74 -7.19 9.29
N PRO B 12 -22.87 -6.65 8.44
CA PRO B 12 -22.10 -7.51 7.54
C PRO B 12 -21.46 -8.68 8.30
N LYS B 13 -21.38 -9.83 7.62
CA LYS B 13 -20.68 -11.00 8.14
C LYS B 13 -19.24 -10.98 7.60
N ARG B 14 -18.27 -10.67 8.47
CA ARG B 14 -16.88 -10.59 8.04
C ARG B 14 -16.21 -11.97 8.00
N GLN B 15 -15.14 -12.06 7.20
CA GLN B 15 -14.28 -13.23 7.23
C GLN B 15 -13.48 -13.26 8.55
N GLY B 16 -12.80 -14.38 8.80
CA GLY B 16 -12.17 -14.53 10.10
C GLY B 16 -10.91 -13.68 10.31
N ASN B 17 -10.37 -13.01 9.29
CA ASN B 17 -9.21 -12.13 9.47
C ASN B 17 -9.62 -10.70 9.78
N SER B 18 -10.90 -10.44 10.03
CA SER B 18 -11.28 -9.09 10.37
C SER B 18 -10.71 -8.74 11.73
N ILE B 19 -10.03 -7.60 11.81
CA ILE B 19 -9.56 -7.10 13.09
C ILE B 19 -10.72 -6.87 14.06
N LYS B 20 -11.79 -6.20 13.61
CA LYS B 20 -12.93 -5.92 14.50
C LYS B 20 -13.66 -7.19 14.92
N TRP B 21 -14.04 -8.06 13.97
CA TRP B 21 -14.89 -9.23 14.29
C TRP B 21 -14.14 -10.56 14.27
N GLY B 22 -12.83 -10.55 14.26
CA GLY B 22 -12.10 -11.83 14.17
C GLY B 22 -11.42 -12.20 15.46
N GLY B 23 -11.70 -13.41 15.95
CA GLY B 23 -11.15 -13.81 17.27
C GLY B 23 -11.97 -13.26 18.42
N LYS B 25 -14.75 -14.16 21.02
CA LYS B 25 -15.29 -15.08 22.04
C LYS B 25 -16.80 -15.14 21.96
N GLU B 26 -17.40 -16.06 22.70
CA GLU B 26 -18.86 -16.24 22.62
C GLU B 26 -19.53 -14.98 23.13
N LYS B 27 -20.43 -14.40 22.34
CA LYS B 27 -21.27 -13.27 22.79
C LYS B 27 -20.41 -12.09 23.22
N GLU B 28 -19.56 -11.66 22.29
CA GLU B 28 -18.71 -10.50 22.51
C GLU B 28 -19.08 -9.41 21.52
N LEU B 29 -18.85 -8.17 21.93
CA LEU B 29 -19.41 -7.02 21.24
C LEU B 29 -18.33 -5.95 21.11
N PRO B 30 -17.66 -5.90 19.98
CA PRO B 30 -16.56 -4.93 19.83
C PRO B 30 -17.07 -3.59 19.32
N MET B 31 -16.80 -2.50 20.06
CA MET B 31 -17.08 -1.15 19.59
C MET B 31 -15.87 -0.27 19.82
N TRP B 32 -14.68 -0.84 19.59
CA TRP B 32 -13.42 -0.15 19.83
C TRP B 32 -12.77 0.37 18.57
N ILE B 33 -12.71 -0.42 17.56
CA ILE B 33 -11.93 -0.06 16.41
C ILE B 33 -12.81 0.72 15.45
N ASP B 34 -12.22 1.72 14.78
CA ASP B 34 -12.93 2.72 13.95
C ASP B 34 -13.40 2.26 12.57
N GLU B 35 -14.27 1.29 12.52
CA GLU B 35 -14.92 0.91 11.26
C GLU B 35 -16.39 0.65 11.57
N MET B 36 -17.21 0.81 10.54
CA MET B 36 -18.66 0.78 10.67
C MET B 36 -19.14 -0.68 10.70
N ASP B 37 -20.41 -0.87 11.05
CA ASP B 37 -21.05 -2.18 10.94
C ASP B 37 -22.26 -2.10 10.02
N PHE B 38 -22.09 -1.37 8.93
CA PHE B 38 -23.08 -1.18 7.89
C PHE B 38 -22.51 -1.70 6.58
N ARG B 39 -23.40 -2.14 5.72
CA ARG B 39 -22.99 -2.41 4.36
C ARG B 39 -22.67 -1.08 3.68
N ILE B 40 -21.73 -1.14 2.73
CA ILE B 40 -21.37 0.06 2.00
C ILE B 40 -22.54 0.42 1.10
N ALA B 41 -22.49 1.60 0.49
CA ALA B 41 -23.45 2.01 -0.52
C ALA B 41 -23.48 1.02 -1.69
N PRO B 42 -24.66 0.58 -2.14
CA PRO B 42 -24.69 -0.36 -3.28
C PRO B 42 -24.17 0.27 -4.58
N GLU B 43 -24.11 1.60 -4.69
CA GLU B 43 -23.50 2.23 -5.86
C GLU B 43 -21.97 2.03 -5.90
N ILE B 44 -21.31 1.95 -4.74
CA ILE B 44 -19.87 1.63 -4.73
C ILE B 44 -19.68 0.16 -5.04
N MET B 45 -20.49 -0.69 -4.39
CA MET B 45 -20.47 -2.12 -4.66
C MET B 45 -20.61 -2.41 -6.17
N THR B 46 -21.47 -1.65 -6.86
CA THR B 46 -21.60 -1.88 -8.30
C THR B 46 -20.32 -1.52 -9.05
N SER B 47 -19.69 -0.42 -8.67
CA SER B 47 -18.45 -0.04 -9.34
C SER B 47 -17.35 -1.06 -9.13
N MET B 48 -17.23 -1.56 -7.90
CA MET B 48 -16.22 -2.57 -7.63
C MET B 48 -16.45 -3.79 -8.51
N GLU B 49 -17.71 -4.28 -8.56
CA GLU B 49 -18.07 -5.49 -9.31
C GLU B 49 -17.84 -5.32 -10.82
N GLU B 50 -18.18 -4.17 -11.39
CA GLU B 50 -17.82 -3.92 -12.79
C GLU B 50 -16.31 -3.95 -13.03
N LYS B 51 -15.51 -3.42 -12.11
CA LYS B 51 -14.06 -3.39 -12.35
C LYS B 51 -13.50 -4.81 -12.34
N LEU B 52 -14.01 -5.69 -11.46
CA LEU B 52 -13.50 -7.05 -11.36
C LEU B 52 -13.69 -7.87 -12.62
N VAL B 54 -13.00 -7.12 -15.56
CA VAL B 54 -11.78 -7.09 -16.36
C VAL B 54 -10.99 -8.41 -16.22
N ALA B 55 -11.01 -9.02 -15.04
CA ALA B 55 -10.43 -10.35 -14.77
C ALA B 55 -8.90 -10.42 -15.05
N ALA B 56 -8.22 -9.26 -15.07
CA ALA B 56 -6.77 -9.14 -15.09
C ALA B 56 -6.41 -7.80 -14.47
N PHE B 57 -5.57 -7.80 -13.46
CA PHE B 57 -5.39 -6.58 -12.67
C PHE B 57 -3.93 -6.13 -12.69
N GLY B 58 -3.55 -5.56 -13.84
CA GLY B 58 -2.21 -5.06 -14.03
C GLY B 58 -2.06 -3.63 -13.53
N TYR B 59 -0.90 -3.05 -13.86
CA TYR B 59 -0.51 -1.78 -13.27
C TYR B 59 -1.51 -0.70 -13.66
N GLU B 60 -1.82 0.17 -12.70
CA GLU B 60 -2.84 1.19 -12.84
C GLU B 60 -2.26 2.58 -12.65
N SER B 61 -2.73 3.52 -13.49
CA SER B 61 -2.40 4.94 -13.39
C SER B 61 -3.55 5.68 -12.71
N VAL B 62 -3.33 6.94 -12.38
CA VAL B 62 -4.33 7.74 -11.67
C VAL B 62 -5.03 8.63 -12.72
N PRO B 63 -6.32 8.45 -12.98
CA PRO B 63 -6.94 9.25 -14.03
C PRO B 63 -7.46 10.58 -13.50
N ALA B 64 -7.57 11.51 -14.46
CA ALA B 64 -8.07 12.84 -14.16
C ALA B 64 -9.47 12.81 -13.61
N GLU B 65 -10.21 11.73 -13.86
CA GLU B 65 -11.55 11.55 -13.32
C GLU B 65 -11.55 11.29 -11.83
N TYR B 66 -10.38 10.90 -11.24
CA TYR B 66 -10.32 10.74 -9.79
C TYR B 66 -10.26 12.10 -9.10
N TYR B 67 -9.37 12.96 -9.55
CA TYR B 67 -9.28 14.28 -8.94
C TYR B 67 -10.55 15.08 -9.22
N LYS B 68 -11.29 14.74 -10.29
CA LYS B 68 -12.51 15.51 -10.59
C LYS B 68 -13.65 15.15 -9.66
N ALA B 69 -13.84 13.83 -9.44
CA ALA B 69 -14.74 13.37 -8.38
C ALA B 69 -14.31 13.85 -7.00
N VAL B 70 -13.00 13.98 -6.75
CA VAL B 70 -12.57 14.46 -5.43
C VAL B 70 -12.96 15.92 -5.26
N ALA B 71 -12.51 16.78 -6.19
CA ALA B 71 -12.83 18.20 -6.15
C ALA B 71 -14.36 18.46 -6.11
N ASP B 72 -15.15 17.60 -6.78
CA ASP B 72 -16.60 17.79 -6.84
C ASP B 72 -17.24 17.47 -5.50
N TRP B 73 -16.88 16.33 -4.93
CA TRP B 73 -17.38 15.97 -3.62
C TRP B 73 -17.09 17.09 -2.63
N GLU B 74 -15.85 17.63 -2.65
CA GLU B 74 -15.46 18.64 -1.67
C GLU B 74 -16.17 19.96 -1.91
N GLU B 75 -16.41 20.28 -3.18
CA GLU B 75 -17.33 21.35 -3.48
C GLU B 75 -18.74 21.05 -2.97
N ILE B 76 -19.31 19.90 -3.33
CA ILE B 76 -20.74 19.77 -2.99
C ILE B 76 -20.96 19.57 -1.49
N GLU B 77 -20.00 19.00 -0.75
CA GLU B 77 -20.32 18.58 0.61
C GLU B 77 -19.75 19.51 1.67
N HIS B 78 -18.71 20.24 1.27
CA HIS B 78 -18.05 21.21 2.20
C HIS B 78 -17.99 22.60 1.59
N ALA B 80 -16.39 23.95 -0.92
CA ALA B 80 -14.99 24.36 -1.13
C ALA B 80 -14.37 23.44 -2.19
N ARG B 81 -14.25 23.93 -3.44
CA ARG B 81 -13.77 23.08 -4.50
C ARG B 81 -12.26 23.27 -4.59
N PRO B 82 -11.47 22.24 -4.35
CA PRO B 82 -10.05 22.32 -4.68
C PRO B 82 -9.87 22.26 -6.17
N LYS B 83 -8.75 22.80 -6.63
CA LYS B 83 -8.25 22.48 -7.95
C LYS B 83 -7.81 21.02 -8.01
N GLU B 84 -8.21 20.33 -9.09
CA GLU B 84 -7.72 18.98 -9.41
C GLU B 84 -6.20 18.87 -9.49
N ASP B 85 -5.56 19.94 -9.95
CA ASP B 85 -4.08 19.96 -10.06
C ASP B 85 -3.48 19.90 -8.66
N TRP B 86 -4.18 20.37 -7.63
CA TRP B 86 -3.74 20.26 -6.25
C TRP B 86 -3.73 18.81 -5.77
N CYS B 87 -4.41 17.91 -6.47
CA CYS B 87 -4.64 16.56 -5.95
C CYS B 87 -3.54 15.56 -6.35
N VAL B 88 -3.20 14.68 -5.41
CA VAL B 88 -2.29 13.56 -5.64
C VAL B 88 -2.83 12.35 -4.92
N PHE B 89 -2.84 11.23 -5.61
CA PHE B 89 -3.32 10.00 -5.00
C PHE B 89 -2.29 9.48 -4.03
N ALA B 90 -2.75 8.97 -2.91
CA ALA B 90 -1.94 8.10 -2.07
C ALA B 90 -2.78 6.94 -1.56
N SER B 91 -2.12 5.84 -1.26
CA SER B 91 -2.87 4.67 -0.87
C SER B 91 -3.44 4.76 0.55
N GLY B 92 -3.06 5.74 1.36
CA GLY B 92 -3.66 5.84 2.68
C GLY B 92 -3.23 7.13 3.36
N VAL B 93 -4.05 7.59 4.32
CA VAL B 93 -3.75 8.83 5.04
C VAL B 93 -2.49 8.68 5.91
N VAL B 94 -2.51 7.73 6.84
CA VAL B 94 -1.35 7.50 7.68
C VAL B 94 -0.12 7.18 6.87
N PRO B 95 -0.16 6.29 5.86
CA PRO B 95 0.99 6.16 4.94
C PRO B 95 1.46 7.48 4.34
N ALA B 96 0.53 8.36 3.94
CA ALA B 96 0.98 9.63 3.34
C ALA B 96 1.64 10.53 4.38
N ILE B 97 1.16 10.49 5.61
CA ILE B 97 1.79 11.30 6.63
C ILE B 97 3.22 10.82 6.85
N SER B 98 3.36 9.52 7.06
CA SER B 98 4.65 8.93 7.31
C SER B 98 5.66 9.29 6.21
N ALA B 99 5.24 9.28 4.95
CA ALA B 99 6.16 9.65 3.88
C ALA B 99 6.48 11.15 3.88
N MET B 100 5.55 11.96 4.35
CA MET B 100 5.78 13.39 4.34
C MET B 100 6.63 13.80 5.51
N VAL B 101 6.58 13.02 6.61
CA VAL B 101 7.56 13.16 7.67
C VAL B 101 8.96 12.88 7.14
N ARG B 102 9.09 11.78 6.37
CA ARG B 102 10.43 11.43 5.91
C ARG B 102 10.90 12.43 4.87
N GLN B 103 9.96 13.08 4.18
CA GLN B 103 10.34 13.98 3.10
C GLN B 103 10.58 15.44 3.55
N PHE B 104 9.82 15.95 4.50
CA PHE B 104 9.86 17.38 4.78
C PHE B 104 10.49 17.74 6.11
N THR B 105 10.86 16.73 6.88
CA THR B 105 11.56 16.95 8.17
C THR B 105 12.85 16.13 8.17
N SER B 106 13.73 16.39 9.12
CA SER B 106 14.90 15.55 9.29
C SER B 106 14.77 14.70 10.57
N PRO B 107 15.47 13.56 10.64
CA PRO B 107 15.65 12.90 11.94
C PRO B 107 16.13 13.91 12.99
N GLY B 108 15.56 13.82 14.19
CA GLY B 108 15.77 14.77 15.27
C GLY B 108 14.67 15.83 15.36
N ASP B 109 14.03 16.14 14.23
CA ASP B 109 13.08 17.25 14.19
C ASP B 109 11.85 16.94 15.04
N GLN B 110 11.27 17.98 15.63
CA GLN B 110 10.06 17.73 16.38
C GLN B 110 8.83 18.00 15.53
N ILE B 111 7.74 17.34 15.89
CA ILE B 111 6.49 17.37 15.13
C ILE B 111 5.36 17.60 16.12
N LEU B 112 4.59 18.65 15.92
CA LEU B 112 3.65 19.06 16.97
C LEU B 112 2.30 18.39 16.75
N VAL B 113 1.75 17.81 17.82
CA VAL B 113 0.37 17.28 17.82
C VAL B 113 -0.33 17.92 19.00
N GLN B 114 -1.60 17.61 19.16
CA GLN B 114 -2.46 18.14 20.22
C GLN B 114 -3.04 16.95 21.00
N GLU B 115 -2.40 16.62 22.11
CA GLU B 115 -2.84 15.46 22.85
C GLU B 115 -4.08 15.84 23.65
N PRO B 116 -5.03 14.90 23.85
CA PRO B 116 -5.09 13.52 23.32
C PRO B 116 -5.37 13.49 21.84
N VAL B 117 -4.76 12.59 21.05
CA VAL B 117 -4.95 12.54 19.57
C VAL B 117 -4.81 11.10 19.07
N TYR B 118 -5.19 10.84 17.82
CA TYR B 118 -5.21 9.49 17.27
C TYR B 118 -3.83 8.82 17.44
N ASN B 119 -3.83 7.64 18.03
CA ASN B 119 -2.62 6.98 18.48
C ASN B 119 -1.67 6.64 17.33
N MET B 120 -2.15 6.59 16.10
CA MET B 120 -1.21 6.32 15.02
C MET B 120 -0.35 7.52 14.66
N PHE B 121 -0.74 8.72 15.08
CA PHE B 121 0.17 9.85 14.92
C PHE B 121 1.48 9.57 15.66
N TYR B 122 1.42 8.97 16.84
CA TYR B 122 2.64 8.87 17.63
C TYR B 122 3.57 7.85 17.00
N SER B 123 2.98 6.79 16.46
CA SER B 123 3.75 5.69 15.89
C SER B 123 4.54 6.18 14.69
N VAL B 124 3.88 6.87 13.76
CA VAL B 124 4.59 7.32 12.55
C VAL B 124 5.58 8.46 12.84
N ILE B 125 5.30 9.34 13.81
CA ILE B 125 6.31 10.34 14.17
C ILE B 125 7.50 9.67 14.85
N GLU B 126 7.26 8.88 15.91
CA GLU B 126 8.36 8.32 16.69
C GLU B 126 9.09 7.22 15.94
N GLY B 127 8.34 6.40 15.21
CA GLY B 127 8.93 5.30 14.45
C GLY B 127 9.78 5.75 13.29
N ASN B 128 9.50 6.93 12.75
CA ASN B 128 10.35 7.53 11.73
C ASN B 128 11.56 8.29 12.33
N GLY B 129 11.77 8.19 13.63
CA GLY B 129 12.93 8.87 14.16
C GLY B 129 12.71 10.36 14.22
N ARG B 130 11.47 10.81 14.46
CA ARG B 130 11.17 12.17 14.84
C ARG B 130 10.63 12.17 16.26
N ARG B 131 10.36 13.35 16.80
CA ARG B 131 10.06 13.46 18.22
C ARG B 131 8.74 14.17 18.36
N VAL B 132 7.84 13.54 19.12
CA VAL B 132 6.57 14.15 19.43
C VAL B 132 6.80 15.32 20.35
N ILE B 133 6.21 16.45 20.01
CA ILE B 133 5.93 17.48 20.97
C ILE B 133 4.45 17.82 20.89
N SER B 134 3.85 18.10 22.04
CA SER B 134 2.42 18.30 22.12
C SER B 134 2.15 19.62 22.79
N SER B 135 1.29 20.42 22.17
CA SER B 135 0.58 21.48 22.88
C SER B 135 -0.71 20.80 23.35
N ASP B 136 -0.68 20.31 24.58
CA ASP B 136 -1.78 19.51 25.08
C ASP B 136 -3.09 20.31 25.04
N LEU B 137 -4.21 19.59 24.93
CA LEU B 137 -5.54 20.18 24.94
C LEU B 137 -6.04 20.36 26.38
N ILE B 138 -6.66 21.49 26.66
CA ILE B 138 -7.02 21.82 28.02
C ILE B 138 -8.43 21.26 28.28
N TYR B 139 -8.58 20.48 29.33
CA TYR B 139 -9.82 19.81 29.64
C TYR B 139 -10.51 20.41 30.87
N GLU B 140 -11.58 21.19 30.63
CA GLU B 140 -12.42 21.75 31.67
C GLU B 140 -13.71 22.29 31.05
N SER B 142 -16.19 20.24 30.61
CA SER B 142 -16.50 19.09 29.77
C SER B 142 -16.16 19.34 28.30
N LYS B 143 -15.25 20.28 28.07
CA LYS B 143 -14.75 20.58 26.76
C LYS B 143 -13.22 20.67 26.85
N TYR B 144 -12.58 20.38 25.74
CA TYR B 144 -11.19 20.71 25.58
C TYR B 144 -11.03 22.12 25.01
N SER B 145 -9.82 22.68 25.16
CA SER B 145 -9.46 24.00 24.65
C SER B 145 -8.00 24.02 24.22
N VAL B 146 -7.66 24.91 23.28
CA VAL B 146 -6.29 25.01 22.76
C VAL B 146 -5.48 26.03 23.56
N ASN B 147 -4.42 25.59 24.21
CA ASN B 147 -3.58 26.63 24.78
C ASN B 147 -2.81 27.33 23.64
N TRP B 148 -3.40 28.40 23.08
CA TRP B 148 -2.81 29.04 21.88
C TRP B 148 -1.42 29.58 22.16
N ALA B 149 -1.23 30.26 23.29
CA ALA B 149 0.10 30.76 23.61
C ALA B 149 1.10 29.62 23.63
N ASP B 150 0.66 28.45 24.17
CA ASP B 150 1.55 27.28 24.21
C ASP B 150 1.70 26.69 22.82
N LEU B 151 0.69 26.82 21.99
CA LEU B 151 0.83 26.36 20.62
C LEU B 151 1.85 27.23 19.87
N GLU B 152 1.78 28.55 20.04
CA GLU B 152 2.67 29.42 19.26
C GLU B 152 4.11 29.25 19.70
N GLU B 153 4.37 29.21 21.00
CA GLU B 153 5.74 29.06 21.45
C GLU B 153 6.36 27.73 20.99
N LYS B 154 5.55 26.68 20.84
CA LYS B 154 6.09 25.43 20.31
C LYS B 154 6.37 25.54 18.80
N LEU B 155 5.45 26.15 18.04
CA LEU B 155 5.68 26.31 16.59
C LEU B 155 6.94 27.13 16.29
N ALA B 156 7.22 28.14 17.11
CA ALA B 156 8.37 28.99 16.88
C ALA B 156 9.68 28.31 17.22
N THR B 157 9.63 27.22 17.99
CA THR B 157 10.82 26.43 18.30
C THR B 157 11.53 26.02 17.01
N PRO B 158 12.83 26.25 16.91
CA PRO B 158 13.55 25.91 15.66
C PRO B 158 13.42 24.46 15.22
N SER B 159 13.43 23.51 16.14
CA SER B 159 13.33 22.08 15.80
C SER B 159 11.91 21.59 15.52
N VAL B 160 10.90 22.45 15.57
CA VAL B 160 9.52 22.06 15.36
C VAL B 160 9.21 22.38 13.91
N ARG B 161 9.22 21.35 13.04
CA ARG B 161 9.21 21.57 11.60
C ARG B 161 7.86 21.26 10.98
N MET B 162 7.00 20.56 11.71
CA MET B 162 5.71 20.09 11.21
C MET B 162 4.63 20.06 12.29
N MET B 163 3.43 20.44 11.88
CA MET B 163 2.24 20.25 12.68
C MET B 163 1.29 19.28 11.99
N VAL B 164 0.96 18.19 12.68
CA VAL B 164 0.01 17.20 12.22
C VAL B 164 -1.29 17.48 12.96
N PHE B 165 -2.26 17.96 12.21
CA PHE B 165 -3.43 18.60 12.81
C PHE B 165 -4.64 17.78 12.39
N CYS B 166 -5.38 17.29 13.36
CA CYS B 166 -6.53 16.41 13.17
C CYS B 166 -7.78 17.26 12.96
N ASN B 167 -8.37 17.22 11.77
CA ASN B 167 -9.43 18.19 11.45
C ASN B 167 -10.59 17.54 10.74
N PRO B 168 -11.59 17.07 11.48
CA PRO B 168 -11.92 17.20 12.90
C PRO B 168 -11.07 16.27 13.74
N HIS B 169 -11.07 16.54 15.03
CA HIS B 169 -10.11 15.94 15.94
C HIS B 169 -10.66 14.61 16.47
N ASN B 170 -10.03 13.52 16.08
CA ASN B 170 -10.19 12.22 16.75
C ASN B 170 -9.22 12.18 17.92
N PRO B 171 -9.65 11.76 19.12
CA PRO B 171 -10.93 11.11 19.40
C PRO B 171 -11.94 12.02 20.04
N ILE B 172 -11.66 13.31 20.22
CA ILE B 172 -12.65 14.11 20.95
C ILE B 172 -13.83 14.51 20.08
N GLY B 173 -13.83 14.10 18.81
CA GLY B 173 -14.86 14.52 17.87
C GLY B 173 -15.08 16.02 17.77
N TYR B 174 -14.02 16.80 17.60
CA TYR B 174 -14.18 18.25 17.55
C TYR B 174 -13.86 18.79 16.17
N ALA B 175 -14.83 19.46 15.55
CA ALA B 175 -14.62 20.05 14.22
C ALA B 175 -14.25 21.51 14.37
N TRP B 176 -12.97 21.81 14.13
CA TRP B 176 -12.47 23.19 14.26
C TRP B 176 -13.27 24.11 13.33
N GLU B 178 -13.87 26.84 12.63
CA GLU B 178 -13.39 27.60 11.45
C GLU B 178 -12.74 28.80 12.08
N GLU B 179 -12.00 29.63 11.33
CA GLU B 179 -11.21 30.75 11.91
C GLU B 179 -10.06 30.16 12.70
N GLU B 180 -10.34 29.21 13.59
CA GLU B 180 -9.29 28.50 14.34
C GLU B 180 -8.36 27.85 13.30
N VAL B 181 -8.92 27.43 12.18
CA VAL B 181 -8.08 26.73 11.18
C VAL B 181 -7.18 27.71 10.40
N LYS B 182 -7.69 28.90 10.04
CA LYS B 182 -6.79 29.83 9.37
C LYS B 182 -5.73 30.34 10.34
N ARG B 183 -6.10 30.63 11.60
CA ARG B 183 -5.07 30.99 12.60
C ARG B 183 -3.94 29.99 12.60
N ILE B 184 -4.31 28.72 12.74
CA ILE B 184 -3.33 27.65 12.83
C ILE B 184 -2.48 27.64 11.58
N ALA B 185 -3.12 27.67 10.40
CA ALA B 185 -2.36 27.83 9.17
C ALA B 185 -1.47 29.06 9.25
N GLU B 186 -2.04 30.19 9.69
CA GLU B 186 -1.25 31.42 9.63
C GLU B 186 -0.10 31.38 10.61
N LEU B 187 -0.29 30.77 11.77
CA LEU B 187 0.85 30.65 12.67
C LEU B 187 1.91 29.69 12.10
N CYS B 188 1.48 28.59 11.43
CA CYS B 188 2.43 27.66 10.79
C CYS B 188 3.25 28.34 9.71
N ALA B 189 2.57 29.02 8.81
CA ALA B 189 3.28 29.77 7.78
C ALA B 189 4.31 30.72 8.40
N LYS B 190 3.85 31.57 9.33
CA LYS B 190 4.68 32.58 9.95
C LYS B 190 5.99 32.02 10.48
N HIS B 191 5.93 30.85 11.13
CA HIS B 191 7.10 30.17 11.64
C HIS B 191 7.63 29.14 10.66
N GLN B 192 7.09 29.16 9.44
CA GLN B 192 7.54 28.31 8.34
C GLN B 192 7.47 26.82 8.71
N VAL B 193 6.28 26.39 9.15
CA VAL B 193 6.05 25.04 9.65
C VAL B 193 4.96 24.42 8.78
N LEU B 194 5.24 23.29 8.15
CA LEU B 194 4.25 22.59 7.35
C LEU B 194 3.06 22.16 8.20
N LEU B 195 1.87 22.53 7.78
CA LEU B 195 0.66 22.13 8.49
C LEU B 195 0.04 20.96 7.73
N ILE B 196 -0.05 19.81 8.37
CA ILE B 196 -0.63 18.64 7.72
C ILE B 196 -2.00 18.44 8.32
N SER B 197 -3.02 18.69 7.52
CA SER B 197 -4.40 18.69 7.98
C SER B 197 -5.06 17.36 7.60
N ASP B 198 -5.12 16.44 8.54
CA ASP B 198 -5.75 15.13 8.31
C ASP B 198 -7.28 15.30 8.48
N GLU B 199 -8.04 15.19 7.37
CA GLU B 199 -9.48 15.51 7.38
C GLU B 199 -10.31 14.27 7.13
N ILE B 200 -9.79 13.13 7.61
CA ILE B 200 -10.35 11.79 7.33
C ILE B 200 -11.77 11.69 7.84
N HIS B 201 -12.12 12.42 8.92
CA HIS B 201 -13.47 12.47 9.48
C HIS B 201 -14.25 13.70 9.06
N GLY B 202 -13.81 14.42 8.05
CA GLY B 202 -14.52 15.62 7.63
C GLY B 202 -15.95 15.41 7.16
N ASP B 203 -16.25 14.27 6.51
CA ASP B 203 -17.61 14.04 5.99
C ASP B 203 -18.61 13.61 7.05
N LEU B 204 -18.17 13.32 8.26
CA LEU B 204 -19.03 12.71 9.26
C LEU B 204 -19.33 13.68 10.37
N VAL B 205 -19.37 14.97 10.06
CA VAL B 205 -19.90 15.97 10.98
C VAL B 205 -21.40 15.77 11.09
N LEU B 206 -21.87 15.43 12.27
CA LEU B 206 -23.27 15.09 12.42
C LEU B 206 -24.12 16.35 12.54
N THR B 207 -23.64 17.35 13.27
CA THR B 207 -24.18 18.69 13.11
C THR B 207 -23.81 19.24 11.73
N ASP B 208 -24.64 20.13 11.22
CA ASP B 208 -24.37 20.71 9.92
C ASP B 208 -23.35 21.84 10.00
N GLU B 209 -22.67 21.98 11.13
CA GLU B 209 -21.36 22.59 11.12
C GLU B 209 -20.55 21.93 10.03
N ASP B 210 -19.71 22.70 9.39
CA ASP B 210 -18.93 22.14 8.32
C ASP B 210 -17.48 22.12 8.75
N ILE B 211 -16.72 21.24 8.12
CA ILE B 211 -15.28 21.35 8.33
C ILE B 211 -14.73 22.39 7.36
N THR B 212 -13.66 23.04 7.83
CA THR B 212 -12.97 24.03 7.00
C THR B 212 -11.68 23.33 6.50
N PRO B 213 -11.63 22.75 5.27
CA PRO B 213 -10.37 22.20 4.75
C PRO B 213 -9.28 23.26 4.80
N ALA B 214 -8.07 22.85 5.18
CA ALA B 214 -6.99 23.81 5.31
C ALA B 214 -6.56 24.37 3.97
N PHE B 215 -6.83 23.65 2.87
CA PHE B 215 -6.43 24.19 1.59
C PHE B 215 -7.14 25.51 1.26
N THR B 216 -8.24 25.87 1.95
CA THR B 216 -8.96 27.11 1.64
C THR B 216 -8.35 28.36 2.28
N VAL B 217 -7.22 28.29 2.97
CA VAL B 217 -6.70 29.49 3.62
C VAL B 217 -6.13 30.45 2.59
N ASP B 218 -6.13 31.74 2.94
CA ASP B 218 -5.56 32.79 2.09
C ASP B 218 -4.16 32.42 1.62
N TRP B 219 -3.82 32.89 0.42
CA TRP B 219 -2.54 32.56 -0.15
C TRP B 219 -1.36 32.98 0.71
N ASP B 220 -1.63 33.81 1.69
CA ASP B 220 -0.57 34.11 2.68
C ASP B 220 -0.03 32.80 3.24
N ALA B 221 -0.87 31.78 3.41
CA ALA B 221 -0.47 30.56 4.16
C ALA B 221 -0.78 29.28 3.39
N LYS B 222 -1.47 29.41 2.28
CA LYS B 222 -1.86 28.25 1.48
C LYS B 222 -0.64 27.52 0.94
N ASN B 223 0.53 28.15 0.98
CA ASN B 223 1.73 27.46 0.55
C ASN B 223 2.31 26.55 1.61
N TRP B 224 1.77 26.52 2.83
CA TRP B 224 2.28 25.71 3.94
C TRP B 224 1.31 24.61 4.38
N VAL B 225 0.37 24.23 3.52
CA VAL B 225 -0.69 23.33 3.94
C VAL B 225 -0.84 22.14 2.99
N VAL B 226 -1.20 21.03 3.59
CA VAL B 226 -1.57 19.80 2.93
C VAL B 226 -2.85 19.38 3.62
N SER B 227 -3.89 19.12 2.85
CA SER B 227 -5.09 18.46 3.34
C SER B 227 -5.09 17.00 2.90
N LEU B 228 -5.47 16.10 3.81
CA LEU B 228 -5.61 14.68 3.48
C LEU B 228 -7.07 14.23 3.67
N ILE B 229 -7.68 13.74 2.61
CA ILE B 229 -9.01 13.14 2.69
C ILE B 229 -8.93 11.71 2.17
N SER B 230 -9.98 10.97 2.47
CA SER B 230 -10.15 9.64 1.93
C SER B 230 -11.62 9.25 2.10
N PRO B 231 -12.17 8.43 1.21
CA PRO B 231 -13.52 7.91 1.44
C PRO B 231 -13.57 6.86 2.52
N SER B 232 -12.47 6.62 3.22
CA SER B 232 -12.36 5.36 3.92
C SER B 232 -13.22 5.32 5.17
N1 LLP B 233 -6.21 9.71 10.67
C2 LLP B 233 -7.24 9.79 11.50
C2' LLP B 233 -7.40 11.04 12.31
C3 LLP B 233 -8.15 8.73 11.61
O3 LLP B 233 -9.18 8.86 12.49
C4 LLP B 233 -7.96 7.57 10.85
C4' LLP B 233 -8.93 6.47 10.98
C5 LLP B 233 -6.87 7.51 9.98
C6 LLP B 233 -6.03 8.60 9.92
C5' LLP B 233 -6.61 6.29 9.13
OP4 LLP B 233 -5.59 6.47 8.09
P LLP B 233 -5.44 5.45 6.86
OP1 LLP B 233 -5.93 4.11 7.39
OP2 LLP B 233 -6.32 6.01 5.75
OP3 LLP B 233 -3.99 5.43 6.50
N LLP B 233 -13.11 6.32 6.03
CA LLP B 233 -13.94 6.26 7.23
CB LLP B 233 -13.32 7.17 8.33
CG LLP B 233 -11.86 6.81 8.69
CD LLP B 233 -11.65 6.31 10.15
CE LLP B 233 -10.16 5.92 10.49
NZ LLP B 233 -9.09 7.00 10.73
C LLP B 233 -15.37 6.66 6.91
O LLP B 233 -16.29 6.32 7.67
N THR B 234 -15.58 7.34 5.79
CA THR B 234 -16.88 7.88 5.38
C THR B 234 -17.77 6.80 4.79
N PHE B 235 -17.22 5.90 3.97
CA PHE B 235 -18.02 4.86 3.36
C PHE B 235 -17.68 3.46 3.85
N ASN B 236 -16.99 3.32 4.99
CA ASN B 236 -16.62 1.99 5.54
C ASN B 236 -15.73 1.21 4.59
N LEU B 237 -14.66 1.87 4.09
CA LEU B 237 -13.70 1.28 3.17
C LEU B 237 -12.29 1.46 3.70
N ALA B 238 -12.05 1.03 4.93
CA ALA B 238 -10.70 1.14 5.49
C ALA B 238 -9.69 0.38 4.65
N ALA B 239 -10.02 -0.82 4.17
CA ALA B 239 -9.02 -1.60 3.44
C ALA B 239 -9.00 -1.27 1.96
N LEU B 240 -9.70 -0.22 1.54
CA LEU B 240 -9.62 0.11 0.12
C LEU B 240 -8.27 0.75 -0.24
N HIS B 241 -7.63 1.45 0.69
CA HIS B 241 -6.31 2.05 0.43
C HIS B 241 -6.43 3.06 -0.72
N ALA B 242 -7.31 4.04 -0.52
CA ALA B 242 -7.47 5.19 -1.43
C ALA B 242 -7.61 6.43 -0.57
N ALA B 243 -6.80 7.41 -0.88
CA ALA B 243 -6.79 8.65 -0.15
C ALA B 243 -6.44 9.72 -1.16
N CYS B 244 -6.40 10.96 -0.70
CA CYS B 244 -6.04 12.02 -1.64
C CYS B 244 -5.40 13.16 -0.88
N ALA B 245 -4.16 13.48 -1.26
CA ALA B 245 -3.49 14.66 -0.74
C ALA B 245 -3.83 15.86 -1.62
N ILE B 246 -4.26 16.96 -1.00
CA ILE B 246 -4.60 18.20 -1.70
C ILE B 246 -3.55 19.25 -1.35
N ILE B 247 -2.71 19.58 -2.32
CA ILE B 247 -1.50 20.32 -1.93
C ILE B 247 -1.32 21.51 -2.88
N PRO B 248 -1.68 22.74 -2.50
CA PRO B 248 -1.66 23.86 -3.47
C PRO B 248 -0.27 24.28 -3.93
N ASN B 249 0.73 24.30 -3.02
CA ASN B 249 2.12 24.66 -3.34
C ASN B 249 2.67 23.70 -4.37
N PRO B 250 2.93 24.16 -5.59
CA PRO B 250 3.23 23.18 -6.67
C PRO B 250 4.50 22.36 -6.44
N ASP B 251 5.56 22.93 -5.83
CA ASP B 251 6.79 22.19 -5.53
C ASP B 251 6.60 21.20 -4.36
N LEU B 252 6.04 21.67 -3.24
CA LEU B 252 5.57 20.78 -2.17
C LEU B 252 4.91 19.51 -2.72
N ARG B 253 3.86 19.70 -3.50
CA ARG B 253 3.04 18.61 -3.99
C ARG B 253 3.88 17.62 -4.78
N ALA B 254 4.60 18.10 -5.80
CA ALA B 254 5.46 17.24 -6.60
C ALA B 254 6.46 16.45 -5.75
N ARG B 255 6.90 17.03 -4.60
CA ARG B 255 7.78 16.34 -3.68
C ARG B 255 7.04 15.34 -2.81
N ALA B 256 5.83 15.66 -2.41
CA ALA B 256 5.01 14.65 -1.75
C ALA B 256 4.79 13.45 -2.66
N GLU B 257 4.59 13.70 -3.94
CA GLU B 257 4.21 12.62 -4.86
C GLU B 257 5.37 11.66 -5.11
N GLU B 258 6.59 12.22 -5.28
CA GLU B 258 7.79 11.40 -5.45
C GLU B 258 8.10 10.57 -4.21
N SER B 259 7.73 11.06 -3.01
CA SER B 259 7.96 10.22 -1.84
C SER B 259 6.89 9.14 -1.68
N PHE B 260 5.63 9.43 -2.07
CA PHE B 260 4.61 8.37 -2.12
C PHE B 260 5.08 7.22 -2.98
N PHE B 261 5.65 7.54 -4.14
CA PHE B 261 6.21 6.52 -5.04
C PHE B 261 7.32 5.77 -4.37
N LEU B 262 8.24 6.52 -3.73
CA LEU B 262 9.42 5.90 -3.17
C LEU B 262 9.03 4.95 -2.06
N ALA B 263 7.97 5.31 -1.33
CA ALA B 263 7.51 4.52 -0.20
C ALA B 263 6.71 3.32 -0.64
N GLY B 264 6.19 3.35 -1.88
CA GLY B 264 5.30 2.32 -2.36
C GLY B 264 3.82 2.55 -2.09
N ILE B 265 3.34 3.78 -2.13
CA ILE B 265 1.97 4.10 -1.73
C ILE B 265 1.49 5.14 -2.71
N GLY B 266 2.28 5.35 -3.77
CA GLY B 266 1.86 6.22 -4.86
C GLY B 266 0.99 5.58 -5.95
N GLU B 267 0.78 4.24 -5.97
CA GLU B 267 -0.02 3.63 -7.09
C GLU B 267 -1.31 2.99 -6.56
N PRO B 268 -2.43 3.19 -7.24
CA PRO B 268 -3.68 2.57 -6.75
C PRO B 268 -3.64 1.06 -6.85
N ASN B 269 -4.25 0.40 -5.87
CA ASN B 269 -4.53 -1.03 -6.00
C ASN B 269 -5.69 -1.20 -6.99
N LEU B 270 -6.07 -2.43 -7.30
CA LEU B 270 -7.07 -2.66 -8.37
C LEU B 270 -8.45 -2.00 -8.16
N LEU B 271 -8.95 -1.89 -6.93
CA LEU B 271 -10.25 -1.22 -6.80
C LEU B 271 -10.18 0.25 -6.36
N ALA B 272 -8.98 0.77 -6.02
CA ALA B 272 -8.92 2.10 -5.40
C ALA B 272 -9.55 3.18 -6.29
N ILE B 273 -9.27 3.15 -7.59
CA ILE B 273 -9.81 4.21 -8.43
C ILE B 273 -11.33 4.04 -8.58
N PRO B 274 -11.85 2.93 -9.15
CA PRO B 274 -13.30 2.86 -9.44
C PRO B 274 -14.19 2.99 -8.22
N ALA B 275 -13.78 2.42 -7.08
CA ALA B 275 -14.64 2.50 -5.92
C ALA B 275 -14.69 3.93 -5.38
N ALA B 276 -13.51 4.57 -5.20
CA ALA B 276 -13.48 5.96 -4.75
C ALA B 276 -14.29 6.88 -5.67
N ILE B 277 -14.17 6.73 -6.99
CA ILE B 277 -14.94 7.62 -7.83
C ILE B 277 -16.44 7.40 -7.60
N ALA B 278 -16.86 6.14 -7.46
CA ALA B 278 -18.27 5.87 -7.24
C ALA B 278 -18.72 6.49 -5.94
N ALA B 279 -17.90 6.42 -4.89
CA ALA B 279 -18.30 7.00 -3.61
C ALA B 279 -18.45 8.51 -3.75
N TYR B 280 -17.45 9.16 -4.34
CA TYR B 280 -17.47 10.60 -4.45
C TYR B 280 -18.51 11.13 -5.42
N GLU B 281 -19.03 10.32 -6.34
CA GLU B 281 -19.97 10.84 -7.31
C GLU B 281 -21.38 10.29 -7.14
N GLU B 282 -21.52 9.15 -6.49
CA GLU B 282 -22.84 8.54 -6.29
C GLU B 282 -23.03 8.19 -4.81
N GLY B 283 -22.53 9.01 -3.88
CA GLY B 283 -22.64 8.62 -2.49
C GLY B 283 -23.22 9.65 -1.55
N HIS B 284 -23.66 10.80 -2.10
CA HIS B 284 -24.29 11.83 -1.28
C HIS B 284 -25.49 11.30 -0.52
N ASN B 285 -26.38 10.59 -1.21
CA ASN B 285 -27.61 10.14 -0.58
C ASN B 285 -27.34 9.01 0.40
N TRP B 286 -26.35 8.15 0.14
CA TRP B 286 -26.11 7.14 1.17
C TRP B 286 -25.59 7.80 2.44
N LEU B 287 -24.77 8.86 2.30
CA LEU B 287 -24.15 9.50 3.47
C LEU B 287 -25.20 10.23 4.33
N ARG B 288 -26.01 11.08 3.68
CA ARG B 288 -27.13 11.75 4.34
C ARG B 288 -27.98 10.81 5.18
N GLU B 289 -28.31 9.63 4.66
CA GLU B 289 -29.07 8.65 5.45
C GLU B 289 -28.27 8.13 6.64
N LEU B 290 -27.04 7.64 6.37
CA LEU B 290 -26.11 7.26 7.43
C LEU B 290 -26.12 8.28 8.57
N LYS B 291 -26.00 9.55 8.21
CA LYS B 291 -25.83 10.59 9.22
C LYS B 291 -27.07 10.66 10.11
N GLN B 292 -28.23 10.34 9.53
CA GLN B 292 -29.45 10.22 10.34
C GLN B 292 -29.37 8.99 11.25
N VAL B 293 -28.91 7.84 10.76
CA VAL B 293 -28.76 6.73 11.69
C VAL B 293 -27.77 7.10 12.82
N LEU B 294 -26.67 7.81 12.47
CA LEU B 294 -25.64 8.06 13.48
C LEU B 294 -26.14 9.05 14.53
N ARG B 295 -26.73 10.16 14.08
CA ARG B 295 -27.40 11.09 14.99
C ARG B 295 -28.36 10.37 15.94
N ASP B 296 -29.11 9.39 15.43
CA ASP B 296 -30.06 8.65 16.28
C ASP B 296 -29.33 7.75 17.29
N ASN B 297 -28.23 7.15 16.88
CA ASN B 297 -27.46 6.34 17.82
C ASN B 297 -26.83 7.19 18.91
N PHE B 298 -26.28 8.37 18.56
CA PHE B 298 -25.63 9.24 19.56
C PHE B 298 -26.64 9.68 20.62
N ALA B 299 -27.75 10.28 20.15
CA ALA B 299 -28.88 10.58 21.04
C ALA B 299 -29.23 9.41 21.94
N TYR B 300 -29.41 8.22 21.37
CA TYR B 300 -29.79 7.13 22.26
C TYR B 300 -28.73 6.89 23.33
N ALA B 301 -27.45 6.97 22.93
CA ALA B 301 -26.36 6.63 23.83
C ALA B 301 -26.13 7.74 24.86
N ARG B 302 -26.03 8.98 24.39
CA ARG B 302 -25.83 10.12 25.31
C ARG B 302 -26.97 10.10 26.32
N GLU B 303 -28.19 9.83 25.85
CA GLU B 303 -29.32 9.83 26.75
C GLU B 303 -29.25 8.68 27.74
N PHE B 304 -28.89 7.48 27.31
CA PHE B 304 -28.90 6.33 28.25
C PHE B 304 -27.84 6.55 29.33
N LEU B 305 -26.68 7.06 28.93
CA LEU B 305 -25.58 7.25 29.89
C LEU B 305 -25.96 8.36 30.88
N ALA B 306 -26.73 9.34 30.43
CA ALA B 306 -27.19 10.44 31.31
C ALA B 306 -28.22 9.89 32.29
N GLU B 308 -28.86 6.52 33.73
CA GLU B 308 -28.60 5.10 34.11
C GLU B 308 -27.16 4.91 34.61
N VAL B 309 -26.18 5.62 34.04
CA VAL B 309 -24.76 5.64 34.44
C VAL B 309 -24.28 7.07 34.71
N PRO B 310 -24.73 7.69 35.80
CA PRO B 310 -24.25 9.04 36.13
C PRO B 310 -22.76 9.12 36.43
N GLU B 311 -22.09 8.00 36.67
CA GLU B 311 -20.68 7.90 37.00
C GLU B 311 -19.75 8.24 35.84
N VAL B 312 -20.27 8.40 34.63
CA VAL B 312 -19.46 8.67 33.46
C VAL B 312 -19.95 9.99 32.87
N LYS B 313 -19.10 10.63 32.07
CA LYS B 313 -19.45 11.90 31.41
C LYS B 313 -19.04 11.81 29.94
N VAL B 314 -20.01 11.86 29.03
CA VAL B 314 -19.73 11.89 27.60
C VAL B 314 -19.41 13.32 27.24
N LEU B 315 -18.49 13.51 26.30
CA LEU B 315 -18.22 14.87 25.84
C LEU B 315 -19.22 15.27 24.75
N ASP B 316 -19.47 16.57 24.65
CA ASP B 316 -20.20 17.19 23.53
C ASP B 316 -19.41 17.03 22.23
N SER B 317 -19.85 16.07 21.43
CA SER B 317 -19.21 15.80 20.12
C SER B 317 -19.82 16.73 19.07
N ASN B 318 -19.15 16.91 17.94
CA ASN B 318 -19.73 17.70 16.82
C ASN B 318 -19.22 17.08 15.52
N ALA B 319 -18.60 15.91 15.61
CA ALA B 319 -18.02 15.23 14.43
C ALA B 319 -17.85 13.73 14.70
N TYR B 321 -18.73 10.03 15.20
CA TYR B 321 -19.41 8.77 15.58
C TYR B 321 -18.75 8.08 16.78
N LEU B 322 -17.54 8.48 17.08
CA LEU B 322 -16.85 7.98 18.27
C LEU B 322 -17.25 8.77 19.50
N ALA B 323 -17.59 8.09 20.59
CA ALA B 323 -17.93 8.76 21.83
C ALA B 323 -16.72 8.73 22.77
N TRP B 324 -16.30 9.91 23.22
CA TRP B 324 -15.20 10.07 24.15
C TRP B 324 -15.79 10.20 25.55
N VAL B 325 -15.57 9.21 26.39
CA VAL B 325 -16.34 9.08 27.61
C VAL B 325 -15.41 9.19 28.79
N ASP B 326 -15.72 10.10 29.71
CA ASP B 326 -14.98 10.37 30.94
C ASP B 326 -15.40 9.36 31.99
N ILE B 327 -14.46 8.50 32.42
CA ILE B 327 -14.74 7.38 33.38
C ILE B 327 -13.94 7.58 34.68
N SER B 328 -13.23 8.69 34.80
CA SER B 328 -12.46 9.06 36.02
C SER B 328 -13.21 8.77 37.33
N ALA B 329 -14.53 9.00 37.37
CA ALA B 329 -15.26 8.84 38.65
C ALA B 329 -15.14 7.41 39.15
N LEU B 330 -15.07 6.46 38.24
CA LEU B 330 -14.89 5.10 38.72
C LEU B 330 -13.57 4.93 39.43
N GLY B 331 -12.66 5.90 39.31
CA GLY B 331 -11.37 5.83 40.00
C GLY B 331 -10.59 4.57 39.64
N MET B 332 -10.47 4.34 38.34
CA MET B 332 -9.78 3.19 37.79
C MET B 332 -9.19 3.61 36.45
N ASN B 333 -8.07 2.99 36.10
CA ASN B 333 -7.35 3.31 34.87
C ASN B 333 -8.07 2.71 33.66
N ALA B 334 -8.14 3.48 32.56
CA ALA B 334 -8.96 2.99 31.44
C ALA B 334 -8.46 1.65 30.90
N GLU B 335 -7.15 1.37 30.99
CA GLU B 335 -6.67 0.08 30.49
C GLU B 335 -7.25 -1.09 31.28
N ASP B 336 -7.30 -0.97 32.62
CA ASP B 336 -7.86 -1.98 33.51
C ASP B 336 -9.37 -2.02 33.44
N PHE B 337 -10.00 -0.85 33.37
CA PHE B 337 -11.44 -0.84 33.13
C PHE B 337 -11.77 -1.60 31.88
N CYS B 338 -11.05 -1.31 30.78
CA CYS B 338 -11.42 -1.94 29.51
C CYS B 338 -11.20 -3.43 29.57
N LYS B 339 -10.15 -3.85 30.27
CA LYS B 339 -9.89 -5.27 30.50
C LYS B 339 -10.99 -5.90 31.34
N TYR B 340 -11.30 -5.30 32.49
CA TYR B 340 -12.31 -5.85 33.38
C TYR B 340 -13.70 -5.83 32.73
N LEU B 341 -14.07 -4.69 32.11
CA LEU B 341 -15.34 -4.63 31.40
C LEU B 341 -15.46 -5.74 30.36
N ARG B 342 -14.36 -6.07 29.68
CA ARG B 342 -14.47 -7.09 28.64
C ARG B 342 -14.77 -8.45 29.25
N GLU B 343 -13.98 -8.84 30.25
CA GLU B 343 -14.08 -10.18 30.80
C GLU B 343 -15.42 -10.44 31.47
N LYS B 344 -16.14 -9.41 31.93
CA LYS B 344 -17.39 -9.65 32.64
C LYS B 344 -18.63 -9.42 31.78
N THR B 345 -18.53 -8.64 30.71
CA THR B 345 -19.65 -8.32 29.84
C THR B 345 -19.42 -8.72 28.38
N GLY B 346 -18.19 -9.00 27.99
CA GLY B 346 -17.91 -9.26 26.60
C GLY B 346 -17.94 -8.05 25.70
N LEU B 347 -18.20 -6.85 26.24
CA LEU B 347 -18.10 -5.61 25.46
C LEU B 347 -16.64 -5.17 25.39
N ILE B 348 -16.19 -4.78 24.20
CA ILE B 348 -14.80 -4.39 23.96
C ILE B 348 -14.77 -2.95 23.46
N ILE B 349 -14.27 -2.05 24.29
CA ILE B 349 -14.12 -0.65 23.92
C ILE B 349 -12.67 -0.23 24.13
N SER B 350 -12.29 0.87 23.49
CA SER B 350 -10.87 1.19 23.38
C SER B 350 -10.44 2.12 24.50
N ALA B 351 -9.45 1.69 25.29
CA ALA B 351 -8.95 2.50 26.40
C ALA B 351 -8.29 3.77 25.86
N GLY B 352 -8.47 4.88 26.59
CA GLY B 352 -7.93 6.19 26.17
C GLY B 352 -6.43 6.37 26.38
N ASN B 353 -5.80 5.47 27.14
CA ASN B 353 -4.36 5.53 27.35
C ASN B 353 -3.61 5.80 26.04
N GLY B 354 -3.79 4.95 25.04
CA GLY B 354 -3.03 5.09 23.80
C GLY B 354 -3.09 6.42 23.08
N TYR B 355 -4.08 7.24 23.39
CA TYR B 355 -4.28 8.55 22.72
C TYR B 355 -3.51 9.63 23.48
N ARG B 356 -2.80 9.20 24.51
CA ARG B 356 -1.95 10.10 25.32
C ARG B 356 -2.78 11.27 25.94
N GLY B 357 -2.23 12.47 26.18
CA GLY B 357 -2.90 13.57 26.88
C GLY B 357 -3.47 13.07 28.19
N ASN B 358 -4.70 13.45 28.51
CA ASN B 358 -5.40 12.88 29.66
C ASN B 358 -6.15 11.58 29.34
N GLY B 359 -5.79 10.87 28.26
CA GLY B 359 -6.52 9.67 27.86
C GLY B 359 -6.71 8.63 28.96
N HIS B 360 -5.81 8.55 29.95
CA HIS B 360 -5.93 7.49 30.95
C HIS B 360 -7.25 7.55 31.72
N GLU B 361 -8.00 8.65 31.61
CA GLU B 361 -9.30 8.81 32.23
C GLU B 361 -10.47 8.53 31.31
N PHE B 362 -10.23 8.22 30.03
CA PHE B 362 -11.32 8.16 29.07
C PHE B 362 -11.34 6.84 28.38
N VAL B 363 -12.50 6.56 27.77
CA VAL B 363 -12.66 5.42 26.86
C VAL B 363 -13.37 5.90 25.61
N ARG B 364 -13.14 5.17 24.52
CA ARG B 364 -13.69 5.52 23.23
C ARG B 364 -14.57 4.36 22.70
N ILE B 365 -15.84 4.66 22.40
CA ILE B 365 -16.83 3.65 21.98
C ILE B 365 -17.32 3.98 20.58
N ASN B 366 -17.13 3.06 19.65
CA ASN B 366 -17.50 3.30 18.27
C ASN B 366 -18.98 2.96 18.09
N LEU B 367 -19.80 3.99 17.83
CA LEU B 367 -21.25 3.90 17.66
C LEU B 367 -21.70 3.78 16.19
N ALA B 368 -20.83 3.41 15.27
CA ALA B 368 -21.19 3.36 13.86
C ALA B 368 -21.62 1.93 13.53
N CYS B 369 -22.79 1.57 14.06
CA CYS B 369 -23.33 0.23 14.02
C CYS B 369 -24.84 0.31 14.18
N PRO B 370 -25.60 -0.67 13.66
CA PRO B 370 -27.07 -0.67 13.89
C PRO B 370 -27.50 -0.51 15.35
N LYS B 371 -28.59 0.27 15.54
CA LYS B 371 -29.14 0.57 16.87
C LYS B 371 -29.21 -0.62 17.81
N GLU B 372 -29.61 -1.81 17.32
CA GLU B 372 -29.59 -2.96 18.22
C GLU B 372 -28.23 -3.07 18.94
N LEU B 373 -27.12 -2.92 18.22
CA LEU B 373 -25.84 -3.07 18.91
C LEU B 373 -25.52 -1.85 19.81
N VAL B 374 -25.95 -0.65 19.43
CA VAL B 374 -25.84 0.48 20.37
C VAL B 374 -26.57 0.18 21.68
N ILE B 375 -27.78 -0.42 21.63
CA ILE B 375 -28.49 -0.76 22.88
C ILE B 375 -27.70 -1.77 23.69
N ASP B 376 -27.39 -2.91 23.07
CA ASP B 376 -26.68 -3.96 23.80
C ASP B 376 -25.39 -3.42 24.40
N GLY B 377 -24.61 -2.68 23.59
CA GLY B 377 -23.36 -2.07 24.00
C GLY B 377 -23.52 -1.19 25.22
N MET B 378 -24.38 -0.17 25.11
CA MET B 378 -24.60 0.77 26.22
C MET B 378 -24.97 0.01 27.46
N GLN B 379 -25.73 -1.05 27.29
CA GLN B 379 -26.20 -1.74 28.47
C GLN B 379 -25.15 -2.67 29.04
N ARG B 380 -24.40 -3.35 28.18
CA ARG B 380 -23.18 -4.00 28.68
C ARG B 380 -22.36 -3.00 29.49
N LEU B 381 -22.27 -1.75 29.03
CA LEU B 381 -21.48 -0.80 29.79
C LEU B 381 -22.10 -0.55 31.16
N LYS B 382 -23.44 -0.44 31.22
CA LYS B 382 -24.08 -0.21 32.52
C LYS B 382 -23.85 -1.40 33.44
N GLN B 383 -23.91 -2.62 32.89
CA GLN B 383 -23.59 -3.80 33.69
C GLN B 383 -22.19 -3.68 34.28
N GLY B 384 -21.20 -3.44 33.42
CA GLY B 384 -19.82 -3.32 33.90
C GLY B 384 -19.65 -2.31 35.02
N VAL B 385 -20.31 -1.16 34.92
CA VAL B 385 -20.24 -0.18 35.99
C VAL B 385 -20.92 -0.71 37.26
N LEU B 386 -22.09 -1.35 37.11
CA LEU B 386 -22.84 -1.80 38.28
C LEU B 386 -22.03 -2.80 39.10
N ASN B 387 -21.35 -3.72 38.42
CA ASN B 387 -20.54 -4.72 39.15
C ASN B 387 -19.42 -4.08 39.98
N LEU B 388 -18.86 -2.95 39.53
CA LEU B 388 -17.77 -2.32 40.28
C LEU B 388 -18.25 -1.76 41.62
N ASN B 389 -19.42 -1.13 41.63
CA ASN B 389 -20.03 -0.60 42.85
C ASN B 389 -20.64 -1.67 43.76
N ASN B 390 -20.45 -2.97 43.47
CA ASN B 390 -21.04 -4.03 44.30
C ASN B 390 -20.04 -5.07 44.82
N OO0 C . -8.22 3.52 13.07
CA OO0 C . -7.85 2.30 13.80
CB OO0 C . -6.32 2.01 13.91
SG OO0 C . -6.03 0.21 14.16
O1 OO0 C . -6.04 -0.52 12.68
C3 OO0 C . -4.44 -0.18 14.97
C4 OO0 C . -4.47 -1.65 15.43
C5 OO0 C . -4.24 -2.69 14.63
C OO0 C . -8.48 2.32 15.21
OXT OO0 C . -7.83 1.78 16.17
O OO0 C . -9.61 2.86 15.40
#